data_6BK7
#
_entry.id   6BK7
#
_cell.length_a   61.450
_cell.length_b   86.425
_cell.length_c   75.442
_cell.angle_alpha   90.00
_cell.angle_beta   90.17
_cell.angle_gamma   90.00
#
_symmetry.space_group_name_H-M   'P 1 21 1'
#
loop_
_entity.id
_entity.type
_entity.pdbx_description
1 polymer 'Elongation factor G'
2 non-polymer 'SODIUM ION'
3 water water
#
_entity_poly.entity_id   1
_entity_poly.type   'polypeptide(L)'
_entity_poly.pdbx_seq_one_letter_code
;SNAMAREFSLEKTRNIGIMAHVDAGKTTTTERILYYTGKIHKIGETHEGASQMDWMEQEQERGITITSAATTAQWKGYRV
NIIDTPGHVDFTIEVQRSLRVLDGAVTVLDSQSGVEPQTETVWRQATEYKVPRIVFCNKMDKIGADFFYSVESLHDRLQA
NAHPIQIPIGAEEDFTGIIDLIKMKAEIYTNDLGTDIQETDIPEDYLEKAQEWREKLVEAVAETDEDLMMKYLEGEEITE
EELVAGIRQATINVEFFPVLAGSAFKNKGVQLMLDAVLDYLPSPLDIDAIKGIDTKTDEETTRPADDEAPFASLAFKVMT
DPFVGRLTFFRVYSGVLESGSYVLNASKGKKERIGRILQMHANTRQEIDKVYSGDIAAAVGLKDTTTGDTLCALDAPVIL
ESIEFPD
;
_entity_poly.pdbx_strand_id   A,B
#
loop_
_chem_comp.id
_chem_comp.type
_chem_comp.name
_chem_comp.formula
NA non-polymer 'SODIUM ION' 'Na 1'
#
# COMPACT_ATOMS: atom_id res chain seq x y z
N MET A 4 19.45 5.55 15.39
CA MET A 4 20.32 4.37 15.68
C MET A 4 21.01 3.85 14.40
N ALA A 5 20.27 3.83 13.30
CA ALA A 5 20.81 3.34 12.02
C ALA A 5 20.31 4.16 10.86
N ARG A 6 21.10 4.19 9.78
N ARG A 6 21.07 4.09 9.77
CA ARG A 6 20.73 4.94 8.59
CA ARG A 6 20.75 4.80 8.56
C ARG A 6 19.62 4.20 7.85
C ARG A 6 19.56 4.11 7.92
N GLU A 7 18.43 4.79 7.84
CA GLU A 7 17.22 4.21 7.22
C GLU A 7 17.38 3.98 5.71
N PHE A 8 17.59 5.07 4.99
CA PHE A 8 17.77 5.02 3.54
C PHE A 8 19.24 5.21 3.24
N SER A 9 19.82 4.32 2.43
CA SER A 9 21.23 4.45 2.05
C SER A 9 21.48 5.67 1.15
N LEU A 10 22.76 6.00 0.95
CA LEU A 10 23.15 7.07 0.03
C LEU A 10 22.65 6.77 -1.39
N GLU A 11 22.84 5.52 -1.81
CA GLU A 11 22.39 5.07 -3.14
C GLU A 11 20.88 5.25 -3.31
N LYS A 12 20.13 5.09 -2.23
CA LYS A 12 18.67 5.21 -2.26
C LYS A 12 18.10 6.55 -1.80
N THR A 13 18.83 7.63 -2.11
CA THR A 13 18.45 8.99 -1.77
C THR A 13 18.42 9.80 -3.08
N ARG A 14 17.38 10.62 -3.25
CA ARG A 14 17.25 11.48 -4.42
C ARG A 14 16.90 12.88 -3.95
N ASN A 15 17.82 13.83 -4.12
CA ASN A 15 17.60 15.23 -3.78
C ASN A 15 17.26 15.93 -5.09
N ILE A 16 16.01 16.36 -5.22
CA ILE A 16 15.56 16.96 -6.47
C ILE A 16 14.86 18.30 -6.34
N GLY A 17 14.90 19.05 -7.44
CA GLY A 17 14.15 20.29 -7.58
C GLY A 17 13.23 20.10 -8.76
N ILE A 18 12.22 20.96 -8.83
N ILE A 18 12.21 20.95 -8.87
CA ILE A 18 11.30 20.96 -9.94
CA ILE A 18 11.26 20.89 -9.99
C ILE A 18 11.58 22.28 -10.63
C ILE A 18 11.34 22.22 -10.76
N MET A 19 12.09 22.21 -11.86
CA MET A 19 12.36 23.43 -12.65
C MET A 19 11.27 23.66 -13.63
N ALA A 20 10.45 24.68 -13.36
CA ALA A 20 9.33 24.94 -14.22
C ALA A 20 8.87 26.39 -14.15
N HIS A 21 8.57 26.95 -15.32
CA HIS A 21 8.04 28.30 -15.42
C HIS A 21 6.58 28.22 -14.95
N VAL A 22 5.99 29.33 -14.51
CA VAL A 22 4.59 29.32 -14.03
C VAL A 22 3.61 28.79 -15.10
N ASP A 23 3.90 29.07 -16.37
CA ASP A 23 3.04 28.58 -17.47
C ASP A 23 3.16 27.08 -17.73
N ALA A 24 4.27 26.48 -17.32
CA ALA A 24 4.48 25.05 -17.49
C ALA A 24 3.72 24.17 -16.47
N GLY A 25 3.11 24.79 -15.45
CA GLY A 25 2.33 24.07 -14.43
C GLY A 25 3.18 23.58 -13.25
N LYS A 26 4.01 24.47 -12.73
CA LYS A 26 4.91 24.20 -11.60
C LYS A 26 4.19 23.73 -10.32
N THR A 27 3.18 24.47 -9.91
CA THR A 27 2.48 24.20 -8.65
C THR A 27 1.71 22.86 -8.64
N THR A 28 0.99 22.57 -9.73
CA THR A 28 0.26 21.32 -9.85
C THR A 28 1.21 20.13 -9.82
N THR A 29 2.28 20.21 -10.63
CA THR A 29 3.25 19.15 -10.72
C THR A 29 3.89 18.89 -9.37
N THR A 30 4.22 19.97 -8.66
CA THR A 30 4.82 19.86 -7.35
C THR A 30 3.81 19.23 -6.36
N GLU A 31 2.59 19.73 -6.40
CA GLU A 31 1.51 19.24 -5.52
C GLU A 31 1.24 17.74 -5.74
N ARG A 32 1.21 17.31 -7.00
CA ARG A 32 1.01 15.90 -7.31
C ARG A 32 2.20 15.07 -6.86
N ILE A 33 3.42 15.57 -7.07
CA ILE A 33 4.61 14.86 -6.61
C ILE A 33 4.56 14.70 -5.09
N LEU A 34 4.17 15.76 -4.39
CA LEU A 34 4.12 15.72 -2.93
C LEU A 34 3.04 14.77 -2.44
N TYR A 35 1.95 14.68 -3.21
CA TYR A 35 0.88 13.77 -2.87
C TYR A 35 1.33 12.31 -3.02
N TYR A 36 1.87 11.96 -4.19
CA TYR A 36 2.29 10.57 -4.44
C TYR A 36 3.43 10.09 -3.57
N THR A 37 4.35 10.98 -3.22
CA THR A 37 5.49 10.62 -2.40
C THR A 37 5.26 10.82 -0.90
N GLY A 38 4.07 11.29 -0.52
CA GLY A 38 3.76 11.53 0.91
C GLY A 38 2.91 10.49 1.62
N LYS A 39 2.72 9.32 1.01
CA LYS A 39 1.91 8.25 1.60
C LYS A 39 2.61 7.69 2.85
N ILE A 40 1.87 7.52 3.94
CA ILE A 40 2.44 6.96 5.19
C ILE A 40 1.36 6.14 5.87
N THR A 65 -1.43 29.86 1.33
CA THR A 65 -0.73 28.60 1.12
C THR A 65 0.77 28.74 1.38
N ILE A 66 1.29 27.92 2.29
CA ILE A 66 2.70 27.96 2.65
C ILE A 66 3.46 26.83 1.95
N THR A 67 4.38 27.20 1.06
CA THR A 67 5.21 26.24 0.33
C THR A 67 6.53 26.06 1.11
N SER A 68 6.80 24.83 1.55
CA SER A 68 8.00 24.56 2.35
C SER A 68 9.28 24.54 1.52
N ALA A 69 10.37 24.92 2.18
CA ALA A 69 11.68 25.00 1.56
C ALA A 69 12.16 23.66 1.03
N ALA A 70 11.76 22.58 1.71
CA ALA A 70 12.12 21.23 1.33
C ALA A 70 11.24 20.25 2.04
N THR A 71 10.75 19.26 1.30
CA THR A 71 9.88 18.25 1.83
C THR A 71 10.56 16.89 1.78
N THR A 72 10.53 16.19 2.91
CA THR A 72 11.09 14.85 3.03
C THR A 72 9.98 13.89 2.58
N ALA A 73 10.32 12.99 1.67
CA ALA A 73 9.33 12.07 1.13
C ALA A 73 9.95 10.75 0.73
N GLN A 74 9.15 9.87 0.11
CA GLN A 74 9.67 8.57 -0.32
C GLN A 74 8.92 8.04 -1.54
N TRP A 75 9.61 7.19 -2.31
CA TRP A 75 9.02 6.59 -3.48
C TRP A 75 9.69 5.24 -3.69
N LYS A 76 8.90 4.17 -3.53
CA LYS A 76 9.37 2.80 -3.76
C LYS A 76 10.70 2.44 -3.11
N GLY A 77 10.81 2.77 -1.81
CA GLY A 77 12.01 2.45 -1.03
C GLY A 77 13.14 3.45 -1.10
N TYR A 78 12.96 4.53 -1.84
CA TYR A 78 13.98 5.56 -1.96
C TYR A 78 13.55 6.81 -1.20
N ARG A 79 14.49 7.45 -0.53
CA ARG A 79 14.23 8.72 0.10
C ARG A 79 14.24 9.76 -1.05
N VAL A 80 13.19 10.58 -1.11
CA VAL A 80 13.10 11.65 -2.10
C VAL A 80 12.87 12.96 -1.34
N ASN A 81 13.80 13.90 -1.51
CA ASN A 81 13.70 15.21 -0.90
C ASN A 81 13.38 16.17 -2.02
N ILE A 82 12.24 16.85 -1.93
CA ILE A 82 11.81 17.81 -2.93
C ILE A 82 12.14 19.19 -2.42
N ILE A 83 13.05 19.84 -3.13
CA ILE A 83 13.57 21.14 -2.78
C ILE A 83 12.92 22.25 -3.61
N ASP A 84 12.50 23.31 -2.94
CA ASP A 84 11.87 24.43 -3.61
C ASP A 84 12.87 25.22 -4.46
N THR A 85 12.43 25.64 -5.64
CA THR A 85 13.22 26.44 -6.56
C THR A 85 12.28 27.55 -7.06
N PRO A 86 12.85 28.63 -7.62
CA PRO A 86 11.99 29.72 -8.08
C PRO A 86 11.20 29.44 -9.36
N GLY A 87 9.95 29.90 -9.39
CA GLY A 87 9.07 29.77 -10.57
C GLY A 87 9.32 30.83 -11.64
N HIS A 88 10.21 31.77 -11.34
CA HIS A 88 10.61 32.83 -12.27
C HIS A 88 12.13 32.86 -12.39
N VAL A 89 12.61 33.49 -13.45
CA VAL A 89 14.04 33.60 -13.71
C VAL A 89 14.72 34.44 -12.62
N ASP A 90 15.78 33.90 -12.02
CA ASP A 90 16.55 34.62 -11.01
C ASP A 90 17.93 34.85 -11.57
N PHE A 91 18.30 36.12 -11.70
CA PHE A 91 19.60 36.53 -12.22
C PHE A 91 20.64 36.91 -11.13
N THR A 92 20.31 36.66 -9.87
CA THR A 92 21.18 36.97 -8.74
C THR A 92 21.94 35.71 -8.28
N ILE A 93 22.37 35.73 -7.00
CA ILE A 93 23.11 34.64 -6.35
C ILE A 93 22.22 33.56 -5.74
N GLU A 94 21.02 33.94 -5.30
CA GLU A 94 20.09 32.99 -4.66
C GLU A 94 19.79 31.73 -5.48
N VAL A 95 19.75 31.88 -6.82
CA VAL A 95 19.49 30.75 -7.70
C VAL A 95 20.58 29.69 -7.60
N GLN A 96 21.83 30.15 -7.64
CA GLN A 96 23.02 29.29 -7.58
C GLN A 96 23.06 28.45 -6.30
N ARG A 97 22.59 29.02 -5.19
CA ARG A 97 22.60 28.30 -3.91
C ARG A 97 21.72 27.06 -3.92
N SER A 98 20.46 27.19 -4.37
CA SER A 98 19.53 26.06 -4.38
C SER A 98 20.05 24.97 -5.32
N LEU A 99 20.75 25.37 -6.38
CA LEU A 99 21.34 24.40 -7.33
C LEU A 99 22.41 23.53 -6.68
N ARG A 100 23.07 24.03 -5.62
CA ARG A 100 24.07 23.22 -4.91
C ARG A 100 23.44 22.26 -3.91
N VAL A 101 22.21 22.56 -3.46
CA VAL A 101 21.48 21.75 -2.47
C VAL A 101 20.80 20.54 -3.11
N LEU A 102 20.17 20.78 -4.26
CA LEU A 102 19.56 19.68 -5.02
C LEU A 102 20.68 18.99 -5.82
N ASP A 103 20.48 17.73 -6.16
CA ASP A 103 21.48 16.96 -6.93
C ASP A 103 21.02 16.78 -8.37
N GLY A 104 19.72 16.66 -8.57
CA GLY A 104 19.13 16.49 -9.89
C GLY A 104 17.81 17.22 -9.95
N ALA A 105 17.21 17.31 -11.13
CA ALA A 105 15.94 18.00 -11.26
C ALA A 105 15.02 17.43 -12.33
N VAL A 106 13.75 17.73 -12.21
CA VAL A 106 12.76 17.41 -13.23
C VAL A 106 12.45 18.77 -13.86
N THR A 107 12.72 18.91 -15.16
CA THR A 107 12.39 20.14 -15.86
C THR A 107 11.02 19.90 -16.52
N VAL A 108 10.07 20.77 -16.22
CA VAL A 108 8.72 20.64 -16.74
C VAL A 108 8.48 21.63 -17.87
N LEU A 109 7.93 21.14 -18.97
CA LEU A 109 7.58 21.96 -20.12
C LEU A 109 6.07 21.91 -20.35
N ASP A 110 5.54 23.00 -20.89
CA ASP A 110 4.15 23.08 -21.32
C ASP A 110 4.21 22.52 -22.75
N SER A 111 3.67 21.32 -22.96
CA SER A 111 3.71 20.63 -24.28
C SER A 111 3.17 21.44 -25.47
N GLN A 112 2.35 22.44 -25.20
CA GLN A 112 1.80 23.27 -26.27
C GLN A 112 2.83 24.33 -26.71
N SER A 113 3.59 24.86 -25.76
CA SER A 113 4.57 25.92 -26.04
C SER A 113 5.99 25.45 -26.32
N GLY A 114 6.39 24.32 -25.74
CA GLY A 114 7.76 23.83 -25.89
C GLY A 114 8.69 24.72 -25.09
N VAL A 115 9.97 24.73 -25.46
CA VAL A 115 10.97 25.57 -24.79
C VAL A 115 10.73 27.04 -25.15
N GLU A 116 10.60 27.89 -24.13
CA GLU A 116 10.40 29.34 -24.28
C GLU A 116 11.68 30.07 -23.83
N PRO A 117 11.82 31.36 -24.15
CA PRO A 117 13.06 32.06 -23.74
C PRO A 117 13.41 31.94 -22.25
N GLN A 118 12.42 32.10 -21.37
CA GLN A 118 12.66 31.99 -19.93
C GLN A 118 13.16 30.59 -19.55
N THR A 119 12.58 29.57 -20.19
CA THR A 119 12.97 28.18 -19.97
C THR A 119 14.44 27.96 -20.32
N GLU A 120 14.89 28.59 -21.41
CA GLU A 120 16.27 28.45 -21.86
C GLU A 120 17.26 28.97 -20.84
N THR A 121 17.02 30.17 -20.31
CA THR A 121 17.93 30.75 -19.33
C THR A 121 18.10 29.80 -18.12
N VAL A 122 16.98 29.35 -17.58
CA VAL A 122 16.97 28.43 -16.45
C VAL A 122 17.76 27.17 -16.80
N TRP A 123 17.52 26.64 -18.00
CA TRP A 123 18.23 25.46 -18.48
C TRP A 123 19.76 25.68 -18.53
N ARG A 124 20.21 26.80 -19.10
CA ARG A 124 21.66 27.08 -19.18
C ARG A 124 22.31 27.25 -17.80
N GLN A 125 21.61 27.87 -16.85
CA GLN A 125 22.13 28.00 -15.49
C GLN A 125 22.31 26.60 -14.91
N ALA A 126 21.29 25.75 -15.05
CA ALA A 126 21.36 24.38 -14.54
C ALA A 126 22.52 23.59 -15.16
N THR A 127 22.77 23.80 -16.46
CA THR A 127 23.87 23.14 -17.14
C THR A 127 25.22 23.66 -16.61
N GLU A 128 25.33 24.97 -16.43
CA GLU A 128 26.55 25.55 -15.87
C GLU A 128 26.89 24.94 -14.50
N TYR A 129 25.86 24.74 -13.67
CA TYR A 129 26.06 24.17 -12.34
C TYR A 129 25.94 22.63 -12.31
N LYS A 130 26.01 22.02 -13.50
CA LYS A 130 26.06 20.57 -13.70
C LYS A 130 24.94 19.78 -13.05
N VAL A 131 23.71 20.20 -13.28
CA VAL A 131 22.55 19.55 -12.71
C VAL A 131 21.93 18.60 -13.71
N PRO A 132 21.94 17.28 -13.42
CA PRO A 132 21.26 16.33 -14.31
C PRO A 132 19.75 16.56 -14.31
N ARG A 133 19.10 16.30 -15.44
CA ARG A 133 17.67 16.48 -15.55
C ARG A 133 16.97 15.46 -16.41
N ILE A 134 15.73 15.20 -16.04
CA ILE A 134 14.80 14.47 -16.88
C ILE A 134 13.80 15.57 -17.23
N VAL A 135 13.11 15.42 -18.35
CA VAL A 135 12.18 16.42 -18.82
C VAL A 135 10.78 15.83 -18.84
N PHE A 136 9.84 16.53 -18.24
CA PHE A 136 8.45 16.11 -18.19
C PHE A 136 7.61 17.06 -19.07
N CYS A 137 7.17 16.57 -20.23
CA CYS A 137 6.33 17.37 -21.12
C CYS A 137 4.90 17.30 -20.58
N ASN A 138 4.54 18.31 -19.79
CA ASN A 138 3.25 18.40 -19.12
C ASN A 138 2.13 18.96 -20.01
N LYS A 139 0.90 18.85 -19.54
CA LYS A 139 -0.26 19.36 -20.27
C LYS A 139 -0.44 18.74 -21.66
N MET A 140 -0.22 17.43 -21.75
CA MET A 140 -0.43 16.71 -23.01
C MET A 140 -1.90 16.67 -23.44
N ASP A 141 -2.79 17.03 -22.50
CA ASP A 141 -4.24 17.08 -22.75
C ASP A 141 -4.72 18.47 -23.23
N LYS A 142 -3.88 19.51 -23.13
CA LYS A 142 -4.27 20.86 -23.57
C LYS A 142 -4.37 20.92 -25.10
N ILE A 143 -5.24 21.79 -25.60
CA ILE A 143 -5.38 22.02 -27.04
C ILE A 143 -4.06 22.65 -27.50
N GLY A 144 -3.52 22.13 -28.59
CA GLY A 144 -2.25 22.59 -29.14
C GLY A 144 -1.05 21.80 -28.62
N ALA A 145 -1.28 20.87 -27.68
CA ALA A 145 -0.20 20.07 -27.09
C ALA A 145 0.48 19.22 -28.16
N ASP A 146 1.80 19.38 -28.31
CA ASP A 146 2.58 18.66 -29.31
C ASP A 146 3.92 18.21 -28.68
N PHE A 147 3.98 16.93 -28.36
CA PHE A 147 5.14 16.34 -27.72
C PHE A 147 6.40 16.41 -28.57
N PHE A 148 6.26 16.11 -29.86
CA PHE A 148 7.43 16.08 -30.76
C PHE A 148 7.98 17.47 -31.04
N TYR A 149 7.08 18.43 -31.16
CA TYR A 149 7.49 19.84 -31.28
C TYR A 149 8.27 20.26 -30.01
N SER A 150 7.78 19.88 -28.83
CA SER A 150 8.46 20.23 -27.58
C SER A 150 9.85 19.59 -27.54
N VAL A 151 9.93 18.32 -27.92
CA VAL A 151 11.21 17.60 -27.97
C VAL A 151 12.18 18.30 -28.94
N GLU A 152 11.69 18.65 -30.12
CA GLU A 152 12.55 19.29 -31.11
C GLU A 152 13.06 20.65 -30.63
N SER A 153 12.20 21.41 -29.93
CA SER A 153 12.60 22.73 -29.42
C SER A 153 13.79 22.63 -28.45
N LEU A 154 13.92 21.50 -27.74
CA LEU A 154 15.08 21.31 -26.86
C LEU A 154 16.36 21.28 -27.68
N HIS A 155 16.31 20.65 -28.84
CA HIS A 155 17.48 20.58 -29.72
C HIS A 155 17.75 21.89 -30.42
N ASP A 156 16.73 22.53 -30.96
CA ASP A 156 16.89 23.77 -31.73
C ASP A 156 17.23 25.00 -30.94
N ARG A 157 16.66 25.13 -29.75
CA ARG A 157 16.86 26.33 -28.94
CA ARG A 157 16.85 26.33 -28.92
C ARG A 157 17.94 26.21 -27.85
N LEU A 158 18.27 24.98 -27.45
CA LEU A 158 19.26 24.74 -26.40
C LEU A 158 20.41 23.82 -26.77
N GLN A 159 20.34 23.19 -27.95
CA GLN A 159 21.34 22.21 -28.39
C GLN A 159 21.46 21.10 -27.31
N ALA A 160 20.34 20.82 -26.65
CA ALA A 160 20.30 19.82 -25.60
C ALA A 160 20.09 18.42 -26.19
N ASN A 161 20.85 17.45 -25.69
CA ASN A 161 20.79 16.08 -26.18
C ASN A 161 19.61 15.35 -25.55
N ALA A 162 18.40 15.80 -25.90
CA ALA A 162 17.16 15.29 -25.34
C ALA A 162 16.60 14.17 -26.19
N HIS A 163 16.19 13.07 -25.55
CA HIS A 163 15.64 11.92 -26.27
C HIS A 163 14.44 11.33 -25.54
N PRO A 164 13.35 11.12 -26.27
CA PRO A 164 12.22 10.51 -25.61
C PRO A 164 12.50 9.10 -25.10
N ILE A 165 12.06 8.83 -23.87
CA ILE A 165 12.07 7.47 -23.33
C ILE A 165 10.62 6.95 -23.30
N GLN A 166 9.70 7.80 -23.77
CA GLN A 166 8.29 7.47 -23.91
C GLN A 166 7.75 8.16 -25.16
N ILE A 167 6.61 7.67 -25.66
CA ILE A 167 5.86 8.40 -26.68
C ILE A 167 4.41 8.36 -26.18
N PRO A 168 3.68 9.47 -26.33
CA PRO A 168 2.30 9.48 -25.87
C PRO A 168 1.34 8.81 -26.84
N ILE A 169 0.25 8.29 -26.28
CA ILE A 169 -0.84 7.71 -27.06
C ILE A 169 -1.90 8.79 -27.09
N GLY A 170 -2.04 9.42 -28.24
CA GLY A 170 -3.01 10.49 -28.42
C GLY A 170 -2.45 11.82 -27.99
N ALA A 171 -3.18 12.87 -28.32
CA ALA A 171 -2.79 14.24 -27.98
C ALA A 171 -4.06 15.01 -27.68
N GLU A 172 -3.91 16.14 -27.00
CA GLU A 172 -5.06 16.99 -26.64
C GLU A 172 -6.13 16.17 -25.90
N GLU A 173 -7.41 16.43 -26.15
CA GLU A 173 -8.43 15.67 -25.44
C GLU A 173 -8.38 14.15 -25.71
N ASP A 174 -7.66 13.74 -26.76
CA ASP A 174 -7.48 12.32 -27.08
C ASP A 174 -6.25 11.68 -26.40
N PHE A 175 -5.54 12.44 -25.56
CA PHE A 175 -4.39 11.89 -24.82
C PHE A 175 -4.92 10.91 -23.77
N THR A 176 -4.61 9.63 -23.93
CA THR A 176 -5.13 8.57 -23.05
C THR A 176 -4.09 7.61 -22.48
N GLY A 177 -2.85 7.66 -22.97
CA GLY A 177 -1.83 6.74 -22.50
C GLY A 177 -0.41 7.12 -22.82
N ILE A 178 0.51 6.32 -22.26
CA ILE A 178 1.94 6.53 -22.42
CA ILE A 178 1.94 6.52 -22.40
C ILE A 178 2.63 5.20 -22.72
N ILE A 179 3.45 5.20 -23.77
CA ILE A 179 4.22 4.03 -24.15
C ILE A 179 5.64 4.13 -23.57
N ASP A 180 6.07 3.09 -22.87
CA ASP A 180 7.42 2.97 -22.31
C ASP A 180 8.30 2.39 -23.41
N LEU A 181 9.26 3.16 -23.88
CA LEU A 181 10.13 2.67 -24.95
C LEU A 181 11.14 1.61 -24.49
N ILE A 182 11.48 1.60 -23.20
CA ILE A 182 12.42 0.60 -22.68
C ILE A 182 11.81 -0.81 -22.73
N LYS A 183 10.69 -1.00 -22.04
CA LYS A 183 9.99 -2.30 -21.95
C LYS A 183 9.10 -2.58 -23.17
N MET A 184 8.76 -1.53 -23.92
CA MET A 184 7.86 -1.63 -25.06
C MET A 184 6.49 -2.15 -24.57
N LYS A 185 5.98 -1.44 -23.58
CA LYS A 185 4.67 -1.68 -22.98
C LYS A 185 3.97 -0.33 -22.88
N ALA A 186 2.68 -0.34 -22.58
CA ALA A 186 1.91 0.87 -22.48
C ALA A 186 1.07 0.96 -21.20
N GLU A 187 0.87 2.20 -20.74
CA GLU A 187 -0.02 2.51 -19.62
C GLU A 187 -1.18 3.24 -20.23
N ILE A 188 -2.40 2.79 -19.94
CA ILE A 188 -3.60 3.45 -20.45
C ILE A 188 -4.38 3.94 -19.24
N TYR A 189 -4.71 5.23 -19.26
CA TYR A 189 -5.43 5.86 -18.16
C TYR A 189 -6.93 5.80 -18.43
N THR A 190 -7.69 5.42 -17.40
CA THR A 190 -9.14 5.32 -17.48
C THR A 190 -9.87 6.42 -16.72
N ASN A 191 -9.14 7.23 -15.96
CA ASN A 191 -9.74 8.31 -15.19
C ASN A 191 -8.73 9.42 -15.00
N ASP A 192 -9.09 10.46 -14.25
CA ASP A 192 -8.18 11.58 -13.96
C ASP A 192 -7.68 11.56 -12.52
N LEU A 193 -7.68 10.39 -11.89
CA LEU A 193 -7.30 10.23 -10.49
C LEU A 193 -5.97 9.53 -10.26
N GLY A 194 -5.49 8.80 -11.26
CA GLY A 194 -4.21 8.08 -11.16
C GLY A 194 -4.38 6.65 -10.66
N THR A 195 -5.63 6.17 -10.70
CA THR A 195 -6.00 4.82 -10.27
C THR A 195 -6.55 4.03 -11.46
N ASP A 196 -6.71 2.72 -11.30
CA ASP A 196 -7.24 1.83 -12.35
C ASP A 196 -6.47 1.97 -13.67
N ILE A 197 -5.14 2.07 -13.55
CA ILE A 197 -4.26 2.18 -14.70
CA ILE A 197 -4.29 2.19 -14.71
C ILE A 197 -4.15 0.80 -15.34
N GLN A 198 -4.45 0.70 -16.63
CA GLN A 198 -4.30 -0.60 -17.32
C GLN A 198 -2.92 -0.71 -17.99
N GLU A 199 -2.19 -1.77 -17.62
CA GLU A 199 -0.86 -2.07 -18.14
C GLU A 199 -1.10 -3.04 -19.28
N THR A 200 -0.77 -2.64 -20.49
CA THR A 200 -1.01 -3.48 -21.66
C THR A 200 0.13 -3.41 -22.65
N ASP A 201 -0.06 -4.14 -23.74
CA ASP A 201 0.87 -4.11 -24.85
C ASP A 201 0.59 -2.80 -25.59
N ILE A 202 1.53 -2.41 -26.43
CA ILE A 202 1.38 -1.21 -27.24
C ILE A 202 0.24 -1.44 -28.25
N PRO A 203 -0.67 -0.46 -28.42
CA PRO A 203 -1.74 -0.66 -29.41
C PRO A 203 -1.09 -0.83 -30.79
N GLU A 204 -1.69 -1.65 -31.65
N GLU A 204 -1.73 -1.63 -31.65
CA GLU A 204 -1.10 -1.92 -32.98
CA GLU A 204 -1.20 -1.93 -32.99
C GLU A 204 -0.87 -0.70 -33.87
C GLU A 204 -0.87 -0.70 -33.84
N ASP A 205 -1.71 0.33 -33.77
CA ASP A 205 -1.52 1.55 -34.58
C ASP A 205 -0.32 2.44 -34.15
N TYR A 206 0.29 2.14 -33.00
CA TYR A 206 1.48 2.85 -32.50
C TYR A 206 2.73 1.97 -32.45
N LEU A 207 2.64 0.69 -32.79
CA LEU A 207 3.80 -0.21 -32.65
C LEU A 207 5.03 0.17 -33.49
N GLU A 208 4.82 0.50 -34.77
N GLU A 208 4.80 0.50 -34.76
CA GLU A 208 5.95 0.88 -35.64
CA GLU A 208 5.88 0.89 -35.68
C GLU A 208 6.57 2.20 -35.20
C GLU A 208 6.54 2.20 -35.25
N LYS A 209 5.73 3.13 -34.75
CA LYS A 209 6.21 4.43 -34.31
C LYS A 209 7.03 4.25 -33.04
N ALA A 210 6.58 3.35 -32.17
CA ALA A 210 7.29 3.05 -30.93
C ALA A 210 8.63 2.38 -31.23
N GLN A 211 8.64 1.45 -32.19
CA GLN A 211 9.86 0.77 -32.60
C GLN A 211 10.88 1.77 -33.15
N GLU A 212 10.37 2.71 -33.94
CA GLU A 212 11.18 3.76 -34.56
C GLU A 212 11.84 4.66 -33.50
N TRP A 213 11.03 5.17 -32.58
CA TRP A 213 11.59 6.01 -31.51
C TRP A 213 12.49 5.24 -30.53
N ARG A 214 12.25 3.94 -30.36
CA ARG A 214 13.11 3.15 -29.49
C ARG A 214 14.48 2.99 -30.17
N GLU A 215 14.48 2.75 -31.47
CA GLU A 215 15.72 2.63 -32.24
C GLU A 215 16.56 3.92 -32.13
N LYS A 216 15.89 5.07 -32.21
CA LYS A 216 16.57 6.37 -32.11
C LYS A 216 17.17 6.53 -30.72
N LEU A 217 16.44 6.04 -29.70
CA LEU A 217 16.92 6.10 -28.32
C LEU A 217 18.16 5.26 -28.13
N VAL A 218 18.12 4.01 -28.63
CA VAL A 218 19.26 3.10 -28.52
C VAL A 218 20.50 3.72 -29.17
N GLU A 219 20.31 4.24 -30.38
CA GLU A 219 21.39 4.88 -31.13
C GLU A 219 21.98 6.06 -30.36
N ALA A 220 21.11 6.93 -29.84
CA ALA A 220 21.57 8.08 -29.09
C ALA A 220 22.35 7.68 -27.84
N VAL A 221 21.88 6.65 -27.14
CA VAL A 221 22.56 6.19 -25.94
C VAL A 221 23.90 5.58 -26.33
N ALA A 222 23.93 4.82 -27.42
CA ALA A 222 25.15 4.19 -27.90
C ALA A 222 26.23 5.23 -28.18
N GLU A 223 25.82 6.40 -28.68
CA GLU A 223 26.74 7.49 -28.99
C GLU A 223 27.41 8.14 -27.75
N THR A 224 26.86 7.89 -26.56
CA THR A 224 27.42 8.44 -25.31
C THR A 224 28.47 7.53 -24.67
N ASP A 225 28.63 6.30 -25.18
CA ASP A 225 29.55 5.35 -24.59
C ASP A 225 30.26 4.53 -25.66
N GLU A 226 31.58 4.68 -25.72
CA GLU A 226 32.40 3.99 -26.72
C GLU A 226 32.12 2.49 -26.82
N ASP A 227 32.12 1.79 -25.68
CA ASP A 227 31.85 0.34 -25.68
C ASP A 227 30.47 0.01 -26.24
N LEU A 228 29.48 0.85 -25.93
CA LEU A 228 28.12 0.65 -26.47
C LEU A 228 28.03 0.95 -27.96
N MET A 229 28.71 2.00 -28.41
CA MET A 229 28.68 2.38 -29.83
C MET A 229 29.35 1.30 -30.67
N MET A 230 30.40 0.68 -30.13
CA MET A 230 31.08 -0.39 -30.86
C MET A 230 30.11 -1.56 -31.06
N LYS A 231 29.37 -1.92 -30.01
CA LYS A 231 28.39 -3.01 -30.10
C LYS A 231 27.22 -2.66 -31.02
N TYR A 232 26.71 -1.45 -30.90
CA TYR A 232 25.59 -1.00 -31.74
C TYR A 232 25.96 -1.02 -33.22
N LEU A 233 27.11 -0.44 -33.55
CA LEU A 233 27.61 -0.40 -34.94
C LEU A 233 27.88 -1.82 -35.48
N GLU A 234 28.37 -2.70 -34.62
CA GLU A 234 28.63 -4.11 -34.99
C GLU A 234 27.34 -4.94 -35.04
N GLY A 235 26.20 -4.31 -34.72
CA GLY A 235 24.88 -4.97 -34.81
C GLY A 235 24.44 -5.84 -33.65
N GLU A 236 25.17 -5.78 -32.54
CA GLU A 236 24.83 -6.62 -31.37
C GLU A 236 23.61 -6.07 -30.62
N GLU A 237 22.98 -6.95 -29.84
CA GLU A 237 21.78 -6.62 -29.07
C GLU A 237 22.16 -5.87 -27.79
N ILE A 238 21.58 -4.68 -27.59
CA ILE A 238 21.81 -3.92 -26.37
C ILE A 238 20.65 -4.29 -25.46
N THR A 239 20.96 -4.89 -24.31
N THR A 239 20.99 -4.87 -24.31
CA THR A 239 19.94 -5.31 -23.36
CA THR A 239 20.01 -5.33 -23.31
C THR A 239 19.25 -4.14 -22.68
C THR A 239 19.31 -4.16 -22.61
N GLU A 240 18.12 -4.41 -22.04
CA GLU A 240 17.37 -3.39 -21.33
C GLU A 240 18.17 -2.84 -20.16
N GLU A 241 18.80 -3.74 -19.41
CA GLU A 241 19.64 -3.35 -18.28
C GLU A 241 20.83 -2.47 -18.73
N GLU A 242 21.40 -2.78 -19.88
N GLU A 242 21.42 -2.78 -19.88
CA GLU A 242 22.52 -2.01 -20.43
CA GLU A 242 22.54 -1.98 -20.41
C GLU A 242 22.05 -0.65 -20.96
C GLU A 242 22.05 -0.64 -20.94
N LEU A 243 20.84 -0.64 -21.52
CA LEU A 243 20.25 0.58 -22.06
C LEU A 243 19.88 1.52 -20.91
N VAL A 244 19.26 0.98 -19.87
CA VAL A 244 18.90 1.77 -18.70
C VAL A 244 20.14 2.32 -18.00
N ALA A 245 21.19 1.51 -17.90
CA ALA A 245 22.44 1.95 -17.27
C ALA A 245 23.11 3.04 -18.10
N GLY A 246 23.02 2.91 -19.43
CA GLY A 246 23.60 3.90 -20.36
C GLY A 246 22.92 5.25 -20.22
N ILE A 247 21.59 5.22 -20.19
CA ILE A 247 20.79 6.44 -20.01
C ILE A 247 21.15 7.08 -18.68
N ARG A 248 21.25 6.27 -17.63
CA ARG A 248 21.56 6.80 -16.31
C ARG A 248 22.91 7.52 -16.27
N GLN A 249 23.95 6.88 -16.79
CA GLN A 249 25.29 7.47 -16.76
C GLN A 249 25.34 8.77 -17.56
N ALA A 250 24.78 8.76 -18.77
CA ALA A 250 24.80 9.96 -19.62
C ALA A 250 23.99 11.10 -18.99
N THR A 251 22.89 10.74 -18.33
CA THR A 251 22.04 11.74 -17.67
C THR A 251 22.80 12.38 -16.51
N ILE A 252 23.43 11.56 -15.69
CA ILE A 252 24.23 12.04 -14.56
C ILE A 252 25.39 12.91 -15.02
N ASN A 253 25.90 12.65 -16.23
CA ASN A 253 27.00 13.43 -16.79
C ASN A 253 26.51 14.73 -17.42
N VAL A 254 25.18 14.95 -17.40
CA VAL A 254 24.56 16.15 -17.98
C VAL A 254 24.85 16.24 -19.48
N GLU A 255 24.85 15.09 -20.14
CA GLU A 255 25.09 14.98 -21.57
C GLU A 255 23.94 14.28 -22.28
N PHE A 256 22.84 14.05 -21.56
CA PHE A 256 21.68 13.35 -22.10
C PHE A 256 20.50 13.77 -21.24
N PHE A 257 19.33 13.91 -21.87
CA PHE A 257 18.12 14.31 -21.14
C PHE A 257 16.93 13.45 -21.55
N PRO A 258 16.58 12.46 -20.72
CA PRO A 258 15.41 11.63 -21.02
C PRO A 258 14.13 12.51 -21.06
N VAL A 259 13.26 12.29 -22.04
CA VAL A 259 12.02 13.07 -22.16
C VAL A 259 10.80 12.17 -21.96
N LEU A 260 9.94 12.59 -21.05
CA LEU A 260 8.71 11.90 -20.69
C LEU A 260 7.52 12.82 -20.98
N ALA A 261 6.31 12.28 -20.85
CA ALA A 261 5.10 13.00 -21.14
C ALA A 261 4.05 12.75 -20.07
N GLY A 262 3.10 13.68 -19.99
CA GLY A 262 2.01 13.52 -19.05
C GLY A 262 1.12 14.72 -18.87
N SER A 263 0.24 14.59 -17.88
CA SER A 263 -0.66 15.65 -17.46
C SER A 263 -0.74 15.52 -15.94
N ALA A 264 -0.03 16.38 -15.23
CA ALA A 264 -0.01 16.32 -13.79
C ALA A 264 -1.41 16.58 -13.21
N PHE A 265 -2.11 17.56 -13.77
CA PHE A 265 -3.42 17.93 -13.24
C PHE A 265 -4.47 16.81 -13.38
N LYS A 266 -4.32 15.98 -14.42
CA LYS A 266 -5.24 14.86 -14.62
C LYS A 266 -4.65 13.50 -14.23
N ASN A 267 -3.56 13.51 -13.46
CA ASN A 267 -2.94 12.28 -12.95
C ASN A 267 -2.61 11.24 -14.03
N LYS A 268 -1.91 11.70 -15.05
CA LYS A 268 -1.45 10.85 -16.14
C LYS A 268 0.05 11.01 -16.25
N GLY A 269 0.76 9.90 -16.05
CA GLY A 269 2.21 9.83 -16.18
C GLY A 269 3.01 10.25 -14.95
N VAL A 270 2.33 10.55 -13.84
CA VAL A 270 3.05 11.00 -12.64
C VAL A 270 3.91 9.89 -12.01
N GLN A 271 3.33 8.71 -11.81
CA GLN A 271 4.08 7.61 -11.21
C GLN A 271 5.27 7.23 -12.09
N LEU A 272 5.07 7.26 -13.42
CA LEU A 272 6.15 6.92 -14.37
C LEU A 272 7.30 7.90 -14.27
N MET A 273 6.95 9.16 -14.06
CA MET A 273 7.94 10.22 -13.92
C MET A 273 8.73 10.05 -12.61
N LEU A 274 8.03 9.67 -11.54
CA LEU A 274 8.69 9.41 -10.27
C LEU A 274 9.63 8.21 -10.39
N ASP A 275 9.21 7.18 -11.15
CA ASP A 275 10.08 6.01 -11.39
C ASP A 275 11.37 6.45 -12.11
N ALA A 276 11.23 7.40 -13.06
CA ALA A 276 12.36 7.91 -13.82
C ALA A 276 13.34 8.71 -12.94
N VAL A 277 12.82 9.36 -11.89
CA VAL A 277 13.65 10.02 -10.91
C VAL A 277 14.58 8.97 -10.28
N LEU A 278 14.02 7.83 -9.88
CA LEU A 278 14.83 6.78 -9.28
C LEU A 278 15.81 6.19 -10.30
N ASP A 279 15.30 5.91 -11.50
CA ASP A 279 16.09 5.26 -12.55
C ASP A 279 17.26 6.06 -13.09
N TYR A 280 17.05 7.35 -13.29
CA TYR A 280 18.01 8.16 -13.99
C TYR A 280 18.63 9.35 -13.27
N LEU A 281 18.00 9.87 -12.22
CA LEU A 281 18.57 11.03 -11.50
C LEU A 281 19.60 10.57 -10.45
N PRO A 282 20.57 11.46 -10.12
CA PRO A 282 21.68 11.07 -9.25
C PRO A 282 21.37 10.92 -7.78
N SER A 283 22.11 10.02 -7.15
CA SER A 283 22.11 9.93 -5.69
C SER A 283 23.21 10.92 -5.27
N PRO A 284 23.38 11.17 -3.96
CA PRO A 284 24.47 12.07 -3.54
C PRO A 284 25.88 11.55 -3.90
N LEU A 285 26.02 10.23 -4.12
CA LEU A 285 27.32 9.67 -4.52
C LEU A 285 27.67 9.90 -6.01
N ASP A 286 26.67 10.22 -6.82
CA ASP A 286 26.86 10.42 -8.27
C ASP A 286 27.34 11.83 -8.64
N ILE A 287 27.38 12.72 -7.66
CA ILE A 287 27.74 14.12 -7.88
C ILE A 287 29.16 14.38 -7.44
N ASP A 288 29.87 15.28 -8.12
CA ASP A 288 31.21 15.68 -7.72
C ASP A 288 31.17 16.15 -6.25
N ALA A 289 32.16 15.78 -5.47
CA ALA A 289 32.21 16.17 -4.06
C ALA A 289 32.32 17.68 -3.96
N ILE A 290 31.58 18.26 -3.02
CA ILE A 290 31.58 19.70 -2.84
C ILE A 290 32.96 20.18 -2.42
N LYS A 291 33.38 21.32 -2.95
CA LYS A 291 34.67 21.88 -2.62
C LYS A 291 34.57 22.81 -1.44
N GLY A 292 35.69 22.99 -0.76
CA GLY A 292 35.73 23.92 0.36
C GLY A 292 37.14 24.39 0.61
N ILE A 293 37.29 25.40 1.47
CA ILE A 293 38.61 25.87 1.88
C ILE A 293 38.83 25.33 3.29
N ASP A 294 39.92 24.59 3.47
CA ASP A 294 40.28 24.08 4.79
C ASP A 294 40.95 25.28 5.47
N THR A 295 40.33 25.78 6.54
CA THR A 295 40.85 26.97 7.24
C THR A 295 42.14 26.74 8.01
N LYS A 296 42.45 25.48 8.33
CA LYS A 296 43.69 25.16 9.04
C LYS A 296 44.92 25.22 8.11
N THR A 297 44.81 24.59 6.95
CA THR A 297 45.91 24.53 5.96
C THR A 297 45.83 25.65 4.92
N ASP A 298 44.67 26.31 4.86
CA ASP A 298 44.45 27.43 3.95
C ASP A 298 44.37 26.97 2.47
N GLU A 299 44.17 25.67 2.25
CA GLU A 299 44.10 25.13 0.87
C GLU A 299 42.74 24.52 0.58
N GLU A 300 42.48 24.29 -0.71
CA GLU A 300 41.21 23.73 -1.11
C GLU A 300 41.11 22.27 -0.69
N THR A 301 39.90 21.86 -0.31
CA THR A 301 39.62 20.48 0.11
C THR A 301 38.25 20.09 -0.44
N THR A 302 37.78 18.89 -0.10
CA THR A 302 36.45 18.45 -0.50
C THR A 302 35.76 17.78 0.68
N ARG A 303 34.44 17.63 0.57
CA ARG A 303 33.62 16.98 1.58
C ARG A 303 32.68 16.01 0.87
N PRO A 304 33.21 14.84 0.49
CA PRO A 304 32.40 13.84 -0.20
C PRO A 304 31.43 13.17 0.75
N ALA A 305 30.36 12.60 0.19
CA ALA A 305 29.34 11.93 0.97
C ALA A 305 29.98 10.71 1.62
N ASP A 306 30.15 10.79 2.93
CA ASP A 306 30.80 9.77 3.71
C ASP A 306 30.38 9.99 5.17
N ASP A 307 29.60 9.05 5.71
CA ASP A 307 29.14 9.17 7.09
C ASP A 307 30.27 9.14 8.12
N GLU A 308 31.45 8.66 7.73
CA GLU A 308 32.60 8.58 8.64
C GLU A 308 33.50 9.82 8.59
N ALA A 309 33.31 10.66 7.58
CA ALA A 309 34.10 11.86 7.39
C ALA A 309 33.62 12.98 8.33
N PRO A 310 34.39 14.06 8.44
CA PRO A 310 33.93 15.13 9.31
C PRO A 310 32.66 15.80 8.80
N PHE A 311 31.80 16.18 9.73
CA PHE A 311 30.54 16.83 9.37
C PHE A 311 30.72 18.17 8.64
N ALA A 312 29.98 18.33 7.54
CA ALA A 312 29.96 19.57 6.76
C ALA A 312 28.60 19.69 6.07
N SER A 313 28.00 20.88 6.12
CA SER A 313 26.68 21.12 5.56
C SER A 313 26.50 22.58 5.14
N LEU A 314 25.48 22.84 4.33
CA LEU A 314 25.14 24.19 3.90
C LEU A 314 23.72 24.51 4.30
N ALA A 315 23.53 25.65 4.95
CA ALA A 315 22.19 26.10 5.30
C ALA A 315 21.61 26.69 4.01
N PHE A 316 20.32 26.46 3.72
CA PHE A 316 19.74 27.02 2.48
C PHE A 316 18.41 27.76 2.66
N LYS A 317 17.83 27.75 3.86
CA LYS A 317 16.61 28.49 4.10
C LYS A 317 16.37 28.63 5.60
N VAL A 318 15.96 29.83 6.00
CA VAL A 318 15.63 30.14 7.38
C VAL A 318 14.12 30.40 7.41
N MET A 319 13.41 29.58 8.18
CA MET A 319 11.97 29.65 8.26
C MET A 319 11.53 30.00 9.65
N THR A 320 10.40 30.69 9.75
CA THR A 320 9.80 31.02 11.02
C THR A 320 8.54 30.14 11.07
N ASP A 321 8.64 29.05 11.81
CA ASP A 321 7.57 28.07 11.96
C ASP A 321 6.66 28.46 13.12
N PRO A 322 5.31 28.38 12.93
CA PRO A 322 4.37 28.75 14.00
C PRO A 322 4.11 27.65 15.06
N PHE A 323 5.14 26.87 15.40
CA PHE A 323 5.04 25.81 16.41
C PHE A 323 6.35 25.73 17.19
N VAL A 324 7.44 25.38 16.51
CA VAL A 324 8.77 25.29 17.16
C VAL A 324 9.57 26.61 17.04
N GLY A 325 9.15 27.51 16.16
CA GLY A 325 9.82 28.81 16.01
C GLY A 325 10.76 28.87 14.81
N ARG A 326 11.97 29.38 15.05
CA ARG A 326 12.96 29.54 13.99
C ARG A 326 13.55 28.19 13.54
N LEU A 327 13.29 27.82 12.29
CA LEU A 327 13.80 26.59 11.68
C LEU A 327 14.82 26.93 10.61
N THR A 328 15.95 26.24 10.62
CA THR A 328 17.00 26.47 9.62
C THR A 328 17.20 25.20 8.81
N PHE A 329 16.85 25.25 7.53
CA PHE A 329 17.01 24.10 6.64
C PHE A 329 18.44 23.96 6.16
N PHE A 330 18.93 22.74 6.12
CA PHE A 330 20.31 22.51 5.72
C PHE A 330 20.43 21.19 4.99
N ARG A 331 21.46 21.13 4.16
CA ARG A 331 21.82 19.95 3.39
C ARG A 331 23.16 19.44 3.89
N VAL A 332 23.21 18.17 4.29
CA VAL A 332 24.46 17.58 4.77
C VAL A 332 25.19 17.00 3.58
N TYR A 333 26.47 17.35 3.45
CA TYR A 333 27.33 16.83 2.41
C TYR A 333 28.20 15.72 2.92
N SER A 334 28.74 15.88 4.13
CA SER A 334 29.62 14.88 4.69
C SER A 334 29.38 14.67 6.16
N GLY A 335 29.81 13.52 6.65
CA GLY A 335 29.68 13.19 8.05
C GLY A 335 28.25 12.97 8.49
N VAL A 336 28.03 13.19 9.77
CA VAL A 336 26.75 13.00 10.40
C VAL A 336 26.56 14.07 11.46
N LEU A 337 25.31 14.44 11.73
CA LEU A 337 24.98 15.42 12.74
C LEU A 337 23.98 14.83 13.73
N GLU A 338 24.28 14.93 15.03
CA GLU A 338 23.39 14.46 16.08
C GLU A 338 22.59 15.63 16.65
N SER A 339 21.35 15.39 17.05
CA SER A 339 20.56 16.45 17.68
C SER A 339 21.19 16.68 19.05
N GLY A 340 21.07 17.90 19.59
CA GLY A 340 21.67 18.22 20.90
C GLY A 340 23.19 18.18 20.85
N SER A 341 23.78 18.92 19.92
CA SER A 341 25.24 18.98 19.78
C SER A 341 25.69 20.39 19.41
N TYR A 342 27.01 20.57 19.32
CA TYR A 342 27.60 21.85 18.95
C TYR A 342 28.36 21.71 17.66
N VAL A 343 28.17 22.68 16.77
CA VAL A 343 28.88 22.73 15.50
C VAL A 343 29.39 24.15 15.30
N LEU A 344 30.17 24.33 14.25
CA LEU A 344 30.74 25.62 13.89
C LEU A 344 30.03 26.22 12.69
N ASN A 345 29.58 27.47 12.83
CA ASN A 345 29.11 28.20 11.67
C ASN A 345 30.40 28.83 11.16
N ALA A 346 31.02 28.17 10.17
CA ALA A 346 32.31 28.63 9.63
C ALA A 346 32.22 29.95 8.84
N SER A 347 31.01 30.27 8.37
CA SER A 347 30.81 31.51 7.62
C SER A 347 30.73 32.72 8.54
N LYS A 348 30.15 32.54 9.73
CA LYS A 348 29.98 33.62 10.71
C LYS A 348 31.12 33.60 11.71
N GLY A 349 31.86 32.50 11.72
CA GLY A 349 32.98 32.37 12.62
C GLY A 349 32.63 32.16 14.08
N LYS A 350 31.62 31.32 14.34
CA LYS A 350 31.22 31.07 15.73
C LYS A 350 30.48 29.76 15.94
N LYS A 351 30.59 29.26 17.17
CA LYS A 351 29.96 28.02 17.57
C LYS A 351 28.46 28.20 17.65
N GLU A 352 27.71 27.19 17.21
CA GLU A 352 26.25 27.19 17.22
C GLU A 352 25.77 25.93 17.90
N ARG A 353 24.67 26.04 18.63
CA ARG A 353 24.05 24.90 19.30
C ARG A 353 22.98 24.34 18.38
N ILE A 354 23.01 23.04 18.15
CA ILE A 354 21.96 22.37 17.39
C ILE A 354 21.07 21.68 18.43
N GLY A 355 19.85 22.16 18.57
CA GLY A 355 18.89 21.57 19.49
C GLY A 355 18.17 20.43 18.79
N ARG A 356 16.89 20.62 18.54
CA ARG A 356 16.07 19.59 17.90
C ARG A 356 16.23 19.66 16.41
N ILE A 357 16.10 18.50 15.78
CA ILE A 357 16.19 18.37 14.33
C ILE A 357 14.90 17.74 13.84
N LEU A 358 14.31 18.37 12.83
CA LEU A 358 13.08 17.90 12.23
C LEU A 358 13.21 17.69 10.74
N GLN A 359 12.34 16.82 10.20
CA GLN A 359 12.21 16.58 8.78
C GLN A 359 10.72 16.80 8.51
N MET A 360 10.44 17.75 7.63
CA MET A 360 9.09 18.15 7.28
C MET A 360 8.55 17.30 6.13
N HIS A 361 7.54 16.47 6.41
CA HIS A 361 6.89 15.67 5.37
C HIS A 361 5.71 16.46 4.80
N ALA A 362 5.02 15.88 3.82
CA ALA A 362 3.88 16.55 3.19
C ALA A 362 2.74 16.74 4.19
N ASN A 363 2.48 15.69 4.96
CA ASN A 363 1.37 15.67 5.94
C ASN A 363 1.79 15.62 7.40
N THR A 364 3.08 15.42 7.68
CA THR A 364 3.56 15.32 9.06
C THR A 364 4.92 15.96 9.25
N ARG A 365 5.32 16.03 10.52
CA ARG A 365 6.62 16.57 10.93
C ARG A 365 7.22 15.51 11.83
N GLN A 366 8.42 15.04 11.49
CA GLN A 366 9.10 13.98 12.24
C GLN A 366 10.34 14.50 12.95
N GLU A 367 10.48 14.14 14.22
CA GLU A 367 11.66 14.53 14.98
C GLU A 367 12.67 13.39 14.86
N ILE A 368 13.91 13.74 14.56
CA ILE A 368 14.99 12.76 14.40
C ILE A 368 16.18 13.15 15.26
N ASP A 369 16.97 12.15 15.65
N ASP A 369 16.97 12.16 15.67
CA ASP A 369 18.16 12.39 16.48
CA ASP A 369 18.17 12.39 16.49
C ASP A 369 19.49 12.37 15.71
C ASP A 369 19.48 12.36 15.71
N LYS A 370 19.43 12.11 14.40
CA LYS A 370 20.65 12.02 13.60
C LYS A 370 20.34 12.17 12.10
N VAL A 371 21.14 13.02 11.42
N VAL A 371 21.10 13.01 11.41
CA VAL A 371 21.02 13.31 9.98
CA VAL A 371 20.95 13.16 9.98
C VAL A 371 22.32 12.90 9.30
C VAL A 371 22.27 12.70 9.43
N TYR A 372 22.24 12.06 8.28
CA TYR A 372 23.44 11.53 7.64
C TYR A 372 23.82 12.29 6.38
N SER A 373 24.99 11.93 5.83
CA SER A 373 25.47 12.53 4.60
C SER A 373 24.42 12.36 3.50
N GLY A 374 24.24 13.44 2.72
CA GLY A 374 23.27 13.45 1.63
C GLY A 374 21.83 13.77 1.97
N ASP A 375 21.53 13.96 3.26
N ASP A 375 21.55 13.97 3.26
CA ASP A 375 20.16 14.21 3.67
CA ASP A 375 20.19 14.24 3.72
C ASP A 375 19.93 15.69 3.97
C ASP A 375 19.94 15.71 3.94
N ILE A 376 18.66 16.05 4.07
CA ILE A 376 18.21 17.38 4.33
C ILE A 376 17.31 17.32 5.57
N ALA A 377 17.40 18.36 6.38
CA ALA A 377 16.63 18.44 7.59
C ALA A 377 16.55 19.90 8.00
N ALA A 378 15.95 20.16 9.16
CA ALA A 378 15.77 21.50 9.67
C ALA A 378 16.07 21.50 11.17
N ALA A 379 16.91 22.44 11.60
CA ALA A 379 17.33 22.55 12.99
C ALA A 379 16.50 23.62 13.68
N VAL A 380 16.11 23.33 14.92
CA VAL A 380 15.26 24.25 15.67
C VAL A 380 16.06 25.34 16.38
N GLY A 381 15.51 26.55 16.34
CA GLY A 381 16.05 27.72 17.04
C GLY A 381 17.48 28.22 16.84
N LEU A 382 18.14 27.88 15.73
CA LEU A 382 19.50 28.38 15.48
C LEU A 382 19.51 29.89 15.51
N LYS A 383 20.51 30.44 16.19
CA LYS A 383 20.60 31.89 16.41
C LYS A 383 21.16 32.77 15.28
N ASP A 384 22.40 32.53 14.85
CA ASP A 384 23.06 33.41 13.84
C ASP A 384 23.32 32.78 12.47
N THR A 385 22.56 31.76 12.09
CA THR A 385 22.78 31.08 10.82
C THR A 385 21.80 31.55 9.74
N THR A 386 22.35 31.89 8.57
CA THR A 386 21.55 32.34 7.42
C THR A 386 21.87 31.54 6.16
N THR A 387 21.05 31.72 5.12
CA THR A 387 21.21 30.99 3.88
C THR A 387 22.61 31.16 3.30
N GLY A 388 23.24 30.03 2.96
CA GLY A 388 24.57 30.04 2.39
C GLY A 388 25.69 29.76 3.39
N ASP A 389 25.36 29.77 4.69
CA ASP A 389 26.38 29.50 5.71
C ASP A 389 26.80 28.04 5.77
N THR A 390 28.09 27.82 6.00
CA THR A 390 28.59 26.49 6.22
C THR A 390 28.44 26.15 7.71
N LEU A 391 27.84 24.99 8.02
CA LEU A 391 27.80 24.47 9.40
C LEU A 391 28.65 23.23 9.31
N CYS A 392 29.69 23.14 10.14
CA CYS A 392 30.61 22.00 10.06
C CYS A 392 31.15 21.60 11.43
N ALA A 393 31.93 20.51 11.44
CA ALA A 393 32.53 20.00 12.66
C ALA A 393 33.49 21.00 13.24
N LEU A 394 33.40 21.18 14.56
CA LEU A 394 34.29 22.08 15.27
C LEU A 394 35.76 21.70 15.12
N ASP A 395 36.03 20.40 15.04
CA ASP A 395 37.41 19.92 14.92
C ASP A 395 37.96 19.82 13.49
N ALA A 396 37.11 19.98 12.48
CA ALA A 396 37.56 19.92 11.09
C ALA A 396 36.89 21.03 10.29
N PRO A 397 37.19 22.30 10.65
CA PRO A 397 36.58 23.45 10.00
C PRO A 397 36.84 23.57 8.50
N VAL A 398 35.80 23.95 7.77
CA VAL A 398 35.87 24.13 6.34
C VAL A 398 34.84 25.19 5.96
N ILE A 399 35.14 25.94 4.90
CA ILE A 399 34.20 26.92 4.34
C ILE A 399 33.85 26.36 2.97
N LEU A 400 32.61 25.92 2.80
CA LEU A 400 32.17 25.33 1.55
C LEU A 400 31.86 26.34 0.45
N GLU A 401 31.99 25.86 -0.78
CA GLU A 401 31.68 26.65 -1.94
C GLU A 401 30.15 26.69 -2.15
N SER A 402 29.49 27.71 -1.60
CA SER A 402 28.04 27.95 -1.80
C SER A 402 27.94 28.81 -3.05
N ILE A 403 28.65 29.93 -3.02
CA ILE A 403 28.79 30.79 -4.18
C ILE A 403 30.11 30.27 -4.75
N GLU A 404 30.21 30.15 -6.07
CA GLU A 404 31.44 29.65 -6.70
C GLU A 404 32.66 30.49 -6.30
N PHE A 405 33.75 29.83 -5.90
CA PHE A 405 35.00 30.52 -5.49
C PHE A 405 35.52 31.46 -6.59
N PRO A 406 36.13 32.60 -6.20
CA PRO A 406 36.64 33.57 -7.20
C PRO A 406 37.82 33.02 -8.02
N ASP A 407 38.10 33.68 -9.15
CA ASP A 407 39.21 33.29 -10.04
C ASP A 407 39.47 34.39 -11.07
N MET B 4 -22.87 -30.14 -12.53
CA MET B 4 -24.00 -31.12 -12.50
C MET B 4 -24.68 -31.20 -11.11
N ALA B 5 -23.88 -31.23 -10.05
CA ALA B 5 -24.43 -31.32 -8.68
C ALA B 5 -23.70 -30.43 -7.68
N ARG B 6 -24.45 -29.99 -6.66
N ARG B 6 -24.44 -30.07 -6.63
CA ARG B 6 -23.88 -29.13 -5.63
CA ARG B 6 -23.94 -29.23 -5.57
C ARG B 6 -22.97 -29.97 -4.75
C ARG B 6 -22.95 -30.05 -4.77
N GLU B 7 -21.69 -29.63 -4.74
CA GLU B 7 -20.66 -30.37 -3.99
C GLU B 7 -20.84 -30.26 -2.47
N PHE B 8 -20.86 -29.03 -1.98
CA PHE B 8 -21.04 -28.76 -0.56
C PHE B 8 -22.41 -28.14 -0.35
N SER B 9 -23.16 -28.65 0.62
CA SER B 9 -24.49 -28.10 0.94
C SER B 9 -24.37 -26.68 1.53
N LEU B 10 -25.51 -25.98 1.61
CA LEU B 10 -25.58 -24.66 2.25
C LEU B 10 -25.16 -24.75 3.70
N GLU B 11 -25.65 -25.79 4.38
CA GLU B 11 -25.32 -26.04 5.79
C GLU B 11 -23.82 -26.23 5.97
N LYS B 12 -23.16 -26.78 4.95
CA LYS B 12 -21.73 -27.04 5.02
C LYS B 12 -20.88 -26.00 4.30
N THR B 13 -21.30 -24.75 4.34
CA THR B 13 -20.58 -23.65 3.73
C THR B 13 -20.30 -22.60 4.82
N ARG B 14 -19.09 -22.05 4.82
CA ARG B 14 -18.70 -21.01 5.76
C ARG B 14 -18.01 -19.89 5.01
N ASN B 15 -18.68 -18.72 4.93
CA ASN B 15 -18.11 -17.54 4.29
C ASN B 15 -17.58 -16.67 5.41
N ILE B 16 -16.25 -16.54 5.47
CA ILE B 16 -15.65 -15.80 6.56
C ILE B 16 -14.63 -14.74 6.16
N GLY B 17 -14.41 -13.81 7.08
CA GLY B 17 -13.38 -12.80 6.95
C GLY B 17 -12.51 -12.90 8.18
N ILE B 18 -11.31 -12.37 8.06
N ILE B 18 -11.30 -12.35 8.10
CA ILE B 18 -10.38 -12.33 9.17
CA ILE B 18 -10.36 -12.37 9.23
C ILE B 18 -10.33 -10.86 9.53
C ILE B 18 -10.09 -10.95 9.67
N MET B 19 -10.79 -10.51 10.72
CA MET B 19 -10.73 -9.12 11.21
C MET B 19 -9.59 -8.93 12.16
N ALA B 20 -8.55 -8.27 11.68
CA ALA B 20 -7.36 -8.12 12.49
C ALA B 20 -6.57 -6.87 12.11
N HIS B 21 -6.08 -6.16 13.11
CA HIS B 21 -5.23 -4.99 12.90
C HIS B 21 -3.85 -5.54 12.52
N VAL B 22 -3.02 -4.74 11.86
CA VAL B 22 -1.67 -5.21 11.46
C VAL B 22 -0.84 -5.73 12.64
N ASP B 23 -1.04 -5.13 13.82
CA ASP B 23 -0.31 -5.55 15.03
C ASP B 23 -0.77 -6.91 15.60
N ALA B 24 -2.02 -7.30 15.35
CA ALA B 24 -2.55 -8.58 15.84
C ALA B 24 -2.08 -9.80 15.01
N GLY B 25 -1.37 -9.57 13.90
CA GLY B 25 -0.85 -10.65 13.04
C GLY B 25 -1.85 -11.15 12.00
N LYS B 26 -2.45 -10.21 11.27
CA LYS B 26 -3.44 -10.52 10.22
C LYS B 26 -2.90 -11.43 9.10
N THR B 27 -1.75 -11.06 8.57
CA THR B 27 -1.17 -11.78 7.41
C THR B 27 -0.74 -13.22 7.75
N THR B 28 -0.06 -13.41 8.89
CA THR B 28 0.33 -14.74 9.33
C THR B 28 -0.89 -15.62 9.54
N THR B 29 -1.90 -15.08 10.24
CA THR B 29 -3.09 -15.85 10.54
C THR B 29 -3.80 -16.23 9.26
N THR B 30 -3.85 -15.28 8.33
CA THR B 30 -4.48 -15.53 7.05
C THR B 30 -3.69 -16.60 6.27
N GLU B 31 -2.38 -16.43 6.22
CA GLU B 31 -1.47 -17.38 5.50
C GLU B 31 -1.59 -18.80 6.08
N ARG B 32 -1.64 -18.91 7.41
CA ARG B 32 -1.79 -20.20 8.06
C ARG B 32 -3.16 -20.79 7.78
N ILE B 33 -4.21 -19.96 7.81
CA ILE B 33 -5.55 -20.44 7.51
C ILE B 33 -5.59 -20.97 6.07
N LEU B 34 -4.99 -20.23 5.15
CA LEU B 34 -4.98 -20.64 3.74
C LEU B 34 -4.19 -21.92 3.53
N TYR B 35 -3.14 -22.11 4.32
CA TYR B 35 -2.34 -23.33 4.23
C TYR B 35 -3.15 -24.55 4.67
N TYR B 36 -3.71 -24.51 5.88
CA TYR B 36 -4.46 -25.65 6.41
C TYR B 36 -5.73 -25.99 5.65
N THR B 37 -6.38 -24.98 5.07
CA THR B 37 -7.59 -25.20 4.31
C THR B 37 -7.37 -25.33 2.80
N GLY B 38 -6.11 -25.22 2.36
CA GLY B 38 -5.80 -25.28 0.92
C GLY B 38 -5.04 -26.47 0.40
N LYS B 39 -5.09 -27.60 1.10
CA LYS B 39 -4.39 -28.79 0.61
C LYS B 39 -5.34 -29.81 -0.03
N ILE B 40 -4.75 -30.70 -0.84
CA ILE B 40 -5.38 -31.76 -1.66
C ILE B 40 -5.05 -31.45 -3.11
N THR B 65 3.58 -9.12 -3.73
CA THR B 65 2.63 -9.08 -2.61
C THR B 65 1.20 -9.03 -3.17
N ILE B 66 0.66 -10.20 -3.50
CA ILE B 66 -0.68 -10.30 -4.09
C ILE B 66 -1.68 -11.02 -3.15
N THR B 67 -2.71 -10.28 -2.74
CA THR B 67 -3.75 -10.78 -1.86
C THR B 67 -5.01 -11.08 -2.68
N SER B 68 -5.47 -12.33 -2.67
CA SER B 68 -6.67 -12.69 -3.42
C SER B 68 -7.91 -12.14 -2.71
N ALA B 69 -8.84 -11.63 -3.51
CA ALA B 69 -10.07 -11.05 -3.00
C ALA B 69 -10.88 -12.05 -2.17
N ALA B 70 -10.77 -13.33 -2.55
CA ALA B 70 -11.46 -14.40 -1.88
C ALA B 70 -10.85 -15.71 -2.33
N THR B 71 -10.62 -16.60 -1.38
CA THR B 71 -10.03 -17.89 -1.66
C THR B 71 -11.03 -18.98 -1.32
N THR B 72 -11.23 -19.89 -2.26
CA THR B 72 -12.10 -21.04 -2.09
C THR B 72 -11.28 -22.14 -1.42
N ALA B 73 -11.77 -22.67 -0.31
CA ALA B 73 -11.04 -23.67 0.45
C ALA B 73 -11.97 -24.66 1.14
N GLN B 74 -11.40 -25.54 1.96
CA GLN B 74 -12.23 -26.49 2.71
C GLN B 74 -11.59 -26.97 4.00
N TRP B 75 -12.45 -27.43 4.91
CA TRP B 75 -12.00 -27.91 6.19
C TRP B 75 -13.00 -28.95 6.68
N LYS B 76 -12.51 -30.18 6.80
CA LYS B 76 -13.29 -31.31 7.31
C LYS B 76 -14.69 -31.47 6.71
N GLY B 77 -14.76 -31.44 5.38
CA GLY B 77 -16.02 -31.62 4.67
C GLY B 77 -16.87 -30.38 4.48
N TYR B 78 -16.40 -29.22 4.96
CA TYR B 78 -17.12 -27.95 4.79
C TYR B 78 -16.40 -27.07 3.79
N ARG B 79 -17.17 -26.37 2.97
CA ARG B 79 -16.63 -25.37 2.07
C ARG B 79 -16.33 -24.14 2.95
N VAL B 80 -15.11 -23.62 2.84
CA VAL B 80 -14.72 -22.40 3.56
C VAL B 80 -14.19 -21.39 2.55
N ASN B 81 -14.85 -20.24 2.46
CA ASN B 81 -14.43 -19.15 1.58
C ASN B 81 -13.84 -18.07 2.47
N ILE B 82 -12.57 -17.74 2.25
CA ILE B 82 -11.88 -16.73 3.02
C ILE B 82 -11.87 -15.45 2.22
N ILE B 83 -12.59 -14.46 2.71
CA ILE B 83 -12.77 -13.18 2.07
C ILE B 83 -11.83 -12.13 2.65
N ASP B 84 -11.18 -11.38 1.76
CA ASP B 84 -10.26 -10.32 2.18
C ASP B 84 -11.02 -9.17 2.84
N THR B 85 -10.43 -8.59 3.89
CA THR B 85 -10.97 -7.44 4.59
C THR B 85 -9.78 -6.50 4.86
N PRO B 86 -10.06 -5.21 5.15
CA PRO B 86 -8.92 -4.30 5.35
C PRO B 86 -8.19 -4.48 6.68
N GLY B 87 -6.86 -4.33 6.63
CA GLY B 87 -5.98 -4.43 7.81
C GLY B 87 -5.94 -3.14 8.63
N HIS B 88 -6.58 -2.09 8.12
CA HIS B 88 -6.69 -0.81 8.82
C HIS B 88 -8.17 -0.40 8.87
N VAL B 89 -8.45 0.58 9.72
N VAL B 89 -8.47 0.56 9.74
CA VAL B 89 -9.81 1.07 9.91
CA VAL B 89 -9.84 1.03 9.92
C VAL B 89 -10.30 1.83 8.68
C VAL B 89 -10.31 1.83 8.70
N ASP B 90 -11.49 1.47 8.20
CA ASP B 90 -12.10 2.14 7.03
C ASP B 90 -13.38 2.84 7.50
N PHE B 91 -13.39 4.16 7.33
CA PHE B 91 -14.52 4.99 7.73
C PHE B 91 -15.48 5.37 6.58
N THR B 92 -15.28 4.78 5.42
CA THR B 92 -16.09 5.05 4.24
C THR B 92 -17.20 3.98 4.07
N ILE B 93 -17.66 3.85 2.82
CA ILE B 93 -18.70 2.91 2.43
C ILE B 93 -18.14 1.52 2.12
N GLU B 94 -16.96 1.47 1.51
CA GLU B 94 -16.34 0.19 1.13
C GLU B 94 -16.27 -0.89 2.22
N VAL B 95 -16.12 -0.47 3.48
CA VAL B 95 -16.05 -1.42 4.60
C VAL B 95 -17.34 -2.22 4.69
N GLN B 96 -18.47 -1.51 4.65
CA GLN B 96 -19.80 -2.08 4.73
C GLN B 96 -20.06 -3.13 3.66
N ARG B 97 -19.47 -2.93 2.48
CA ARG B 97 -19.67 -3.88 1.37
C ARG B 97 -19.15 -5.27 1.68
N SER B 98 -17.88 -5.38 2.13
CA SER B 98 -17.30 -6.70 2.41
C SER B 98 -18.04 -7.39 3.54
N LEU B 99 -18.57 -6.61 4.48
CA LEU B 99 -19.33 -7.19 5.60
C LEU B 99 -20.61 -7.87 5.13
N ARG B 100 -21.09 -7.46 3.96
CA ARG B 100 -22.29 -8.03 3.36
C ARG B 100 -21.97 -9.37 2.66
N VAL B 101 -20.74 -9.52 2.20
CA VAL B 101 -20.28 -10.71 1.46
C VAL B 101 -19.90 -11.88 2.38
N LEU B 102 -19.19 -11.57 3.45
CA LEU B 102 -18.88 -12.58 4.46
C LEU B 102 -20.11 -12.76 5.35
N ASP B 103 -20.24 -13.93 5.95
CA ASP B 103 -21.36 -14.23 6.85
C ASP B 103 -20.92 -14.20 8.30
N GLY B 104 -19.65 -14.53 8.55
CA GLY B 104 -19.09 -14.54 9.88
C GLY B 104 -17.63 -14.17 9.83
N ALA B 105 -17.02 -13.98 10.99
CA ALA B 105 -15.60 -13.63 11.01
C ALA B 105 -14.84 -14.16 12.21
N VAL B 106 -13.52 -14.21 12.08
CA VAL B 106 -12.61 -14.53 13.16
C VAL B 106 -11.96 -13.19 13.47
N THR B 107 -12.13 -12.69 14.69
CA THR B 107 -11.49 -11.45 15.11
C THR B 107 -10.21 -11.87 15.85
N VAL B 108 -9.07 -11.37 15.39
CA VAL B 108 -7.78 -11.72 15.96
C VAL B 108 -7.26 -10.58 16.83
N LEU B 109 -6.85 -10.92 18.05
CA LEU B 109 -6.27 -9.97 18.98
C LEU B 109 -4.82 -10.33 19.25
N ASP B 110 -4.00 -9.32 19.53
CA ASP B 110 -2.62 -9.49 19.97
C ASP B 110 -2.79 -9.70 21.48
N SER B 111 -2.56 -10.92 21.96
CA SER B 111 -2.73 -11.25 23.39
C SER B 111 -1.95 -10.36 24.37
N GLN B 112 -0.89 -9.71 23.90
CA GLN B 112 -0.10 -8.82 24.75
C GLN B 112 -0.81 -7.46 24.94
N SER B 113 -1.54 -7.01 23.92
CA SER B 113 -2.21 -5.70 23.95
C SER B 113 -3.70 -5.73 24.26
N GLY B 114 -4.37 -6.83 23.93
CA GLY B 114 -5.81 -6.91 24.15
C GLY B 114 -6.52 -5.99 23.14
N VAL B 115 -7.74 -5.59 23.47
CA VAL B 115 -8.53 -4.67 22.63
C VAL B 115 -7.92 -3.27 22.66
N GLU B 116 -7.58 -2.74 21.48
CA GLU B 116 -7.01 -1.39 21.34
C GLU B 116 -8.07 -0.51 20.66
N PRO B 117 -7.91 0.83 20.71
CA PRO B 117 -8.94 1.70 20.10
C PRO B 117 -9.34 1.34 18.65
N GLN B 118 -8.36 1.03 17.79
CA GLN B 118 -8.67 0.66 16.41
C GLN B 118 -9.53 -0.62 16.35
N THR B 119 -9.20 -1.58 17.20
CA THR B 119 -9.93 -2.84 17.29
C THR B 119 -11.40 -2.58 17.63
N GLU B 120 -11.63 -1.63 18.53
CA GLU B 120 -12.98 -1.28 18.96
C GLU B 120 -13.85 -0.78 17.83
N THR B 121 -13.34 0.17 17.04
CA THR B 121 -14.11 0.71 15.93
C THR B 121 -14.54 -0.40 14.97
N VAL B 122 -13.58 -1.24 14.58
CA VAL B 122 -13.84 -2.36 13.68
C VAL B 122 -14.91 -3.28 14.29
N TRP B 123 -14.79 -3.54 15.58
CA TRP B 123 -15.75 -4.38 16.28
C TRP B 123 -17.17 -3.81 16.25
N ARG B 124 -17.32 -2.51 16.54
CA ARG B 124 -18.64 -1.87 16.54
C ARG B 124 -19.28 -1.87 15.14
N GLN B 125 -18.47 -1.66 14.09
CA GLN B 125 -18.98 -1.72 12.71
C GLN B 125 -19.52 -3.12 12.47
N ALA B 126 -18.72 -4.14 12.81
CA ALA B 126 -19.14 -5.54 12.62
C ALA B 126 -20.45 -5.84 13.38
N THR B 127 -20.58 -5.30 14.57
CA THR B 127 -21.81 -5.47 15.34
C THR B 127 -22.98 -4.74 14.66
N GLU B 128 -22.75 -3.53 14.17
CA GLU B 128 -23.83 -2.79 13.46
C GLU B 128 -24.35 -3.60 12.27
N TYR B 129 -23.43 -4.26 11.55
CA TYR B 129 -23.80 -5.06 10.38
C TYR B 129 -24.05 -6.54 10.71
N LYS B 130 -24.27 -6.81 12.00
CA LYS B 130 -24.66 -8.12 12.52
C LYS B 130 -23.80 -9.29 12.08
N VAL B 131 -22.49 -9.15 12.24
CA VAL B 131 -21.56 -10.21 11.86
C VAL B 131 -21.16 -11.03 13.07
N PRO B 132 -21.51 -12.32 13.09
CA PRO B 132 -21.07 -13.20 14.17
C PRO B 132 -19.55 -13.35 14.15
N ARG B 133 -18.96 -13.51 15.32
CA ARG B 133 -17.53 -13.67 15.42
C ARG B 133 -17.09 -14.61 16.52
N ILE B 134 -15.97 -15.27 16.25
CA ILE B 134 -15.24 -15.98 17.28
C ILE B 134 -13.98 -15.10 17.41
N VAL B 135 -13.32 -15.18 18.57
CA VAL B 135 -12.14 -14.35 18.83
C VAL B 135 -10.94 -15.26 19.02
N PHE B 136 -9.87 -14.95 18.30
CA PHE B 136 -8.63 -15.71 18.38
C PHE B 136 -7.56 -14.83 19.03
N CYS B 137 -7.21 -15.12 20.29
CA CYS B 137 -6.17 -14.38 21.00
C CYS B 137 -4.82 -14.96 20.55
N ASN B 138 -4.24 -14.28 19.56
CA ASN B 138 -2.99 -14.68 18.91
C ASN B 138 -1.74 -14.24 19.69
N LYS B 139 -0.58 -14.75 19.29
CA LYS B 139 0.69 -14.38 19.92
C LYS B 139 0.76 -14.70 21.41
N MET B 140 0.22 -15.86 21.79
CA MET B 140 0.28 -16.30 23.18
C MET B 140 1.70 -16.62 23.65
N ASP B 141 2.62 -16.80 22.69
CA ASP B 141 4.04 -17.08 22.96
C ASP B 141 4.89 -15.80 23.13
N LYS B 142 4.31 -14.64 22.80
CA LYS B 142 4.98 -13.35 22.89
C LYS B 142 5.14 -12.90 24.35
N ILE B 143 6.22 -12.17 24.62
CA ILE B 143 6.47 -11.62 25.96
C ILE B 143 5.36 -10.61 26.26
N GLY B 144 4.78 -10.73 27.45
CA GLY B 144 3.68 -9.86 27.86
C GLY B 144 2.30 -10.43 27.51
N ALA B 145 2.26 -11.57 26.81
CA ALA B 145 0.98 -12.17 26.42
C ALA B 145 0.15 -12.54 27.65
N ASP B 146 -1.08 -12.05 27.69
CA ASP B 146 -1.99 -12.32 28.80
C ASP B 146 -3.41 -12.56 28.26
N PHE B 147 -3.79 -13.82 28.23
CA PHE B 147 -5.09 -14.24 27.71
C PHE B 147 -6.25 -13.64 28.50
N PHE B 148 -6.18 -13.69 29.82
CA PHE B 148 -7.29 -13.22 30.66
C PHE B 148 -7.45 -11.71 30.63
N TYR B 149 -6.34 -10.99 30.49
CA TYR B 149 -6.36 -9.55 30.31
C TYR B 149 -7.06 -9.22 28.97
N SER B 150 -6.73 -9.96 27.92
CA SER B 150 -7.35 -9.73 26.61
C SER B 150 -8.85 -10.01 26.67
N VAL B 151 -9.24 -11.10 27.32
CA VAL B 151 -10.65 -11.45 27.49
C VAL B 151 -11.38 -10.33 28.25
N GLU B 152 -10.78 -9.88 29.33
CA GLU B 152 -11.39 -8.82 30.15
C GLU B 152 -11.57 -7.51 29.36
N SER B 153 -10.59 -7.17 28.52
CA SER B 153 -10.64 -5.94 27.72
C SER B 153 -11.85 -5.93 26.76
N LEU B 154 -12.30 -7.11 26.34
CA LEU B 154 -13.49 -7.20 25.49
C LEU B 154 -14.72 -6.70 26.24
N HIS B 155 -14.82 -7.05 27.52
CA HIS B 155 -15.94 -6.61 28.36
C HIS B 155 -15.84 -5.14 28.72
N ASP B 156 -14.65 -4.72 29.15
CA ASP B 156 -14.44 -3.33 29.60
C ASP B 156 -14.53 -2.27 28.53
N ARG B 157 -13.94 -2.55 27.37
CA ARG B 157 -13.87 -1.56 26.30
C ARG B 157 -14.98 -1.65 25.25
N LEU B 158 -15.62 -2.81 25.13
CA LEU B 158 -16.67 -3.03 24.13
C LEU B 158 -18.00 -3.54 24.67
N GLN B 159 -18.06 -3.88 25.96
CA GLN B 159 -19.27 -4.47 26.57
C GLN B 159 -19.69 -5.72 25.77
N ALA B 160 -18.70 -6.42 25.23
CA ALA B 160 -18.96 -7.60 24.42
C ALA B 160 -19.08 -8.84 25.30
N ASN B 161 -20.10 -9.67 25.03
CA ASN B 161 -20.37 -10.86 25.81
C ASN B 161 -19.41 -11.99 25.41
N ALA B 162 -18.13 -11.77 25.67
CA ALA B 162 -17.07 -12.69 25.28
C ALA B 162 -16.76 -13.69 26.38
N HIS B 163 -16.67 -14.97 26.02
CA HIS B 163 -16.40 -16.03 26.99
C HIS B 163 -15.40 -17.06 26.44
N PRO B 164 -14.38 -17.36 27.24
CA PRO B 164 -13.44 -18.37 26.77
C PRO B 164 -14.07 -19.75 26.56
N ILE B 165 -13.75 -20.38 25.44
CA ILE B 165 -14.14 -21.78 25.21
C ILE B 165 -12.87 -22.65 25.35
N GLN B 166 -11.75 -21.98 25.63
CA GLN B 166 -10.47 -22.60 25.90
C GLN B 166 -9.74 -21.79 26.98
N ILE B 167 -8.75 -22.41 27.60
CA ILE B 167 -7.80 -21.70 28.46
C ILE B 167 -6.43 -22.21 28.02
N PRO B 168 -5.44 -21.33 27.97
CA PRO B 168 -4.10 -21.76 27.53
C PRO B 168 -3.31 -22.45 28.62
N ILE B 169 -2.37 -23.31 28.20
CA ILE B 169 -1.44 -23.98 29.12
C ILE B 169 -0.14 -23.21 28.95
N GLY B 170 0.17 -22.39 29.96
CA GLY B 170 1.36 -21.57 29.94
C GLY B 170 1.15 -20.30 29.16
N ALA B 171 2.12 -19.39 29.25
CA ALA B 171 2.09 -18.11 28.55
C ALA B 171 3.50 -17.78 28.15
N GLU B 172 3.66 -16.81 27.24
CA GLU B 172 4.97 -16.38 26.76
C GLU B 172 5.77 -17.59 26.27
N GLU B 173 7.08 -17.63 26.45
CA GLU B 173 7.83 -18.79 25.97
C GLU B 173 7.41 -20.13 26.60
N ASP B 174 6.63 -20.08 27.68
CA ASP B 174 6.11 -21.31 28.32
C ASP B 174 4.74 -21.76 27.76
N PHE B 175 4.22 -21.05 26.76
CA PHE B 175 2.95 -21.45 26.11
C PHE B 175 3.19 -22.75 25.34
N THR B 176 2.56 -23.83 25.79
CA THR B 176 2.76 -25.16 25.19
C THR B 176 1.50 -25.92 24.82
N GLY B 177 0.33 -25.45 25.24
CA GLY B 177 -0.91 -26.16 24.96
C GLY B 177 -2.18 -25.36 25.12
N ILE B 178 -3.29 -26.01 24.78
N ILE B 178 -3.29 -26.02 24.79
CA ILE B 178 -4.61 -25.42 24.83
CA ILE B 178 -4.61 -25.41 24.86
C ILE B 178 -5.60 -26.41 25.40
C ILE B 178 -5.60 -26.41 25.40
N ILE B 179 -6.39 -25.97 26.39
CA ILE B 179 -7.41 -26.81 27.00
C ILE B 179 -8.77 -26.49 26.39
N ASP B 180 -9.46 -27.54 25.92
CA ASP B 180 -10.82 -27.43 25.36
C ASP B 180 -11.78 -27.51 26.52
N LEU B 181 -12.51 -26.44 26.79
CA LEU B 181 -13.45 -26.44 27.90
C LEU B 181 -14.69 -27.29 27.66
N ILE B 182 -15.09 -27.48 26.40
CA ILE B 182 -16.29 -28.28 26.13
C ILE B 182 -16.07 -29.74 26.54
N LYS B 183 -15.07 -30.37 25.95
CA LYS B 183 -14.76 -31.78 26.23
C LYS B 183 -13.82 -32.00 27.43
N MET B 184 -13.22 -30.93 27.95
CA MET B 184 -12.29 -31.01 29.08
C MET B 184 -11.13 -31.95 28.75
N LYS B 185 -10.45 -31.61 27.66
CA LYS B 185 -9.29 -32.33 27.15
C LYS B 185 -8.28 -31.25 26.76
N ALA B 186 -7.05 -31.66 26.52
CA ALA B 186 -5.99 -30.74 26.15
C ALA B 186 -5.21 -31.17 24.92
N GLU B 187 -4.71 -30.17 24.20
CA GLU B 187 -3.81 -30.37 23.07
C GLU B 187 -2.49 -29.84 23.54
N ILE B 188 -1.43 -30.62 23.38
CA ILE B 188 -0.08 -30.19 23.77
C ILE B 188 0.76 -30.20 22.49
N TYR B 189 1.39 -29.06 22.21
CA TYR B 189 2.20 -28.91 21.01
C TYR B 189 3.64 -29.26 21.32
N THR B 190 4.23 -30.06 20.45
CA THR B 190 5.61 -30.54 20.59
C THR B 190 6.58 -29.85 19.63
N ASN B 191 6.07 -28.98 18.76
CA ASN B 191 6.92 -28.29 17.80
C ASN B 191 6.21 -27.03 17.33
N ASP B 192 6.81 -26.31 16.38
CA ASP B 192 6.22 -25.08 15.82
C ASP B 192 5.72 -25.31 14.38
N LEU B 193 5.37 -26.55 14.05
CA LEU B 193 4.93 -26.92 12.70
C LEU B 193 3.44 -27.29 12.60
N GLY B 194 2.82 -27.65 13.73
CA GLY B 194 1.42 -28.03 13.76
C GLY B 194 1.22 -29.54 13.60
N THR B 195 2.30 -30.29 13.77
CA THR B 195 2.30 -31.74 13.66
C THR B 195 2.69 -32.33 15.01
N ASP B 196 2.52 -33.64 15.16
CA ASP B 196 2.86 -34.35 16.41
C ASP B 196 2.19 -33.73 17.65
N ILE B 197 0.95 -33.27 17.47
CA ILE B 197 0.18 -32.67 18.55
C ILE B 197 -0.32 -33.84 19.40
N GLN B 198 -0.07 -33.81 20.69
CA GLN B 198 -0.54 -34.89 21.56
C GLN B 198 -1.86 -34.50 22.25
N GLU B 199 -2.84 -35.38 22.14
CA GLU B 199 -4.17 -35.20 22.71
C GLU B 199 -4.15 -35.92 24.04
N THR B 200 -4.25 -35.17 25.13
CA THR B 200 -4.19 -35.76 26.46
C THR B 200 -5.26 -35.18 27.35
N ASP B 201 -5.27 -35.66 28.59
CA ASP B 201 -6.16 -35.16 29.60
C ASP B 201 -5.57 -33.84 30.08
N ILE B 202 -6.39 -33.04 30.76
CA ILE B 202 -5.94 -31.79 31.34
C ILE B 202 -4.87 -32.09 32.39
N PRO B 203 -3.73 -31.37 32.38
CA PRO B 203 -2.72 -31.60 33.43
C PRO B 203 -3.34 -31.26 34.79
N GLU B 204 -2.98 -32.00 35.84
N GLU B 204 -2.95 -31.99 35.83
CA GLU B 204 -3.58 -31.79 37.16
CA GLU B 204 -3.49 -31.82 37.18
C GLU B 204 -3.48 -30.36 37.73
C GLU B 204 -3.47 -30.38 37.70
N ASP B 205 -2.38 -29.65 37.46
CA ASP B 205 -2.25 -28.25 37.96
C ASP B 205 -3.19 -27.22 37.29
N TYR B 206 -3.83 -27.61 36.18
CA TYR B 206 -4.79 -26.75 35.48
C TYR B 206 -6.23 -27.26 35.57
N LEU B 207 -6.46 -28.44 36.15
CA LEU B 207 -7.81 -29.01 36.19
C LEU B 207 -8.84 -28.13 36.91
N GLU B 208 -8.47 -27.59 38.07
CA GLU B 208 -9.38 -26.74 38.85
C GLU B 208 -9.70 -25.44 38.12
N LYS B 209 -8.69 -24.86 37.47
CA LYS B 209 -8.89 -23.61 36.74
C LYS B 209 -9.79 -23.89 35.54
N ALA B 210 -9.57 -25.03 34.88
CA ALA B 210 -10.36 -25.42 33.73
C ALA B 210 -11.82 -25.65 34.11
N GLN B 211 -12.02 -26.32 35.25
CA GLN B 211 -13.37 -26.56 35.77
C GLN B 211 -14.08 -25.25 36.08
N GLU B 212 -13.34 -24.31 36.66
CA GLU B 212 -13.84 -22.99 36.99
C GLU B 212 -14.31 -22.21 35.75
N TRP B 213 -13.46 -22.16 34.74
CA TRP B 213 -13.81 -21.48 33.49
C TRP B 213 -14.91 -22.19 32.69
N ARG B 214 -15.01 -23.51 32.83
CA ARG B 214 -16.08 -24.24 32.16
C ARG B 214 -17.41 -23.89 32.82
N GLU B 215 -17.42 -23.76 34.14
CA GLU B 215 -18.63 -23.38 34.87
C GLU B 215 -19.12 -21.98 34.47
N LYS B 216 -18.18 -21.04 34.27
CA LYS B 216 -18.53 -19.68 33.86
C LYS B 216 -19.12 -19.69 32.46
N LEU B 217 -18.56 -20.56 31.62
CA LEU B 217 -19.04 -20.73 30.26
C LEU B 217 -20.45 -21.27 30.23
N VAL B 218 -20.72 -22.34 31.01
CA VAL B 218 -22.05 -22.95 31.07
C VAL B 218 -23.09 -21.93 31.53
N GLU B 219 -22.74 -21.19 32.58
CA GLU B 219 -23.61 -20.14 33.12
C GLU B 219 -23.90 -19.06 32.09
N ALA B 220 -22.86 -18.59 31.40
CA ALA B 220 -23.03 -17.53 30.41
C ALA B 220 -23.91 -18.00 29.25
N VAL B 221 -23.72 -19.24 28.82
CA VAL B 221 -24.52 -19.79 27.74
C VAL B 221 -25.96 -19.95 28.20
N ALA B 222 -26.14 -20.40 29.45
CA ALA B 222 -27.47 -20.56 30.02
C ALA B 222 -28.25 -19.25 30.00
N GLU B 223 -27.54 -18.15 30.27
CA GLU B 223 -28.14 -16.82 30.29
C GLU B 223 -28.68 -16.33 28.93
N THR B 224 -28.25 -16.95 27.82
CA THR B 224 -28.68 -16.58 26.47
C THR B 224 -29.94 -17.30 26.02
N ASP B 225 -30.39 -18.31 26.78
CA ASP B 225 -31.56 -19.09 26.38
C ASP B 225 -32.43 -19.45 27.58
N GLU B 226 -33.67 -18.99 27.53
CA GLU B 226 -34.62 -19.20 28.64
C GLU B 226 -34.74 -20.67 29.08
N ASP B 227 -34.93 -21.60 28.13
CA ASP B 227 -35.04 -23.03 28.48
C ASP B 227 -33.76 -23.55 29.15
N LEU B 228 -32.60 -23.09 28.69
CA LEU B 228 -31.33 -23.50 29.27
C LEU B 228 -31.11 -22.92 30.67
N MET B 229 -31.48 -21.65 30.87
CA MET B 229 -31.32 -20.99 32.18
C MET B 229 -32.20 -21.65 33.22
N MET B 230 -33.38 -22.10 32.80
CA MET B 230 -34.31 -22.78 33.72
C MET B 230 -33.65 -24.08 34.22
N LYS B 231 -33.03 -24.82 33.30
CA LYS B 231 -32.34 -26.07 33.64
C LYS B 231 -31.11 -25.83 34.51
N TYR B 232 -30.30 -24.84 34.14
CA TYR B 232 -29.10 -24.51 34.89
C TYR B 232 -29.43 -24.13 36.34
N LEU B 233 -30.42 -23.26 36.50
CA LEU B 233 -30.86 -22.80 37.83
C LEU B 233 -31.48 -23.93 38.66
N GLU B 234 -32.21 -24.83 37.99
CA GLU B 234 -32.80 -26.01 38.66
C GLU B 234 -31.74 -27.06 38.99
N GLY B 235 -30.53 -26.89 38.45
CA GLY B 235 -29.39 -27.79 38.73
C GLY B 235 -29.19 -28.98 37.80
N GLU B 236 -29.86 -28.98 36.64
CA GLU B 236 -29.75 -30.10 35.69
C GLU B 236 -28.43 -30.07 34.91
N GLU B 237 -28.09 -31.22 34.34
CA GLU B 237 -26.84 -31.39 33.59
C GLU B 237 -26.99 -30.96 32.13
N ILE B 238 -26.39 -29.83 31.76
CA ILE B 238 -26.42 -29.37 30.38
C ILE B 238 -25.36 -30.20 29.65
N THR B 239 -25.80 -31.00 28.69
CA THR B 239 -24.90 -31.87 27.93
C THR B 239 -23.97 -31.09 26.99
N GLU B 240 -22.97 -31.78 26.44
CA GLU B 240 -22.03 -31.16 25.52
C GLU B 240 -22.77 -30.69 24.26
N GLU B 241 -23.68 -31.53 23.78
CA GLU B 241 -24.47 -31.21 22.60
C GLU B 241 -25.29 -29.94 22.80
N GLU B 242 -25.97 -29.84 23.93
CA GLU B 242 -26.79 -28.66 24.25
C GLU B 242 -25.93 -27.42 24.46
N LEU B 243 -24.75 -27.62 25.03
CA LEU B 243 -23.80 -26.53 25.27
C LEU B 243 -23.27 -25.98 23.96
N VAL B 244 -22.83 -26.87 23.07
CA VAL B 244 -22.32 -26.48 21.76
C VAL B 244 -23.40 -25.80 20.93
N ALA B 245 -24.62 -26.38 20.93
CA ALA B 245 -25.74 -25.78 20.20
C ALA B 245 -26.10 -24.41 20.75
N GLY B 246 -26.01 -24.28 22.08
CA GLY B 246 -26.29 -23.00 22.76
C GLY B 246 -25.31 -21.93 22.36
N ILE B 247 -24.02 -22.29 22.37
CA ILE B 247 -22.95 -21.38 21.95
C ILE B 247 -23.17 -20.96 20.51
N ARG B 248 -23.46 -21.92 19.65
CA ARG B 248 -23.69 -21.61 18.24
C ARG B 248 -24.83 -20.62 18.01
N GLN B 249 -25.98 -20.84 18.64
CA GLN B 249 -27.12 -19.95 18.41
C GLN B 249 -26.83 -18.53 18.91
N ALA B 250 -26.24 -18.41 20.10
CA ALA B 250 -25.96 -17.09 20.65
C ALA B 250 -24.89 -16.36 19.81
N THR B 251 -23.93 -17.11 19.29
CA THR B 251 -22.88 -16.54 18.44
C THR B 251 -23.49 -16.00 17.14
N ILE B 252 -24.34 -16.81 16.53
CA ILE B 252 -25.03 -16.43 15.31
C ILE B 252 -25.92 -15.19 15.53
N ASN B 253 -26.47 -15.08 16.73
CA ASN B 253 -27.31 -13.91 17.06
C ASN B 253 -26.49 -12.67 17.40
N VAL B 254 -25.15 -12.80 17.36
CA VAL B 254 -24.24 -11.71 17.68
C VAL B 254 -24.43 -11.22 19.13
N GLU B 255 -24.72 -12.16 20.01
CA GLU B 255 -24.93 -11.87 21.42
C GLU B 255 -23.98 -12.66 22.31
N PHE B 256 -22.99 -13.28 21.70
CA PHE B 256 -22.02 -14.11 22.42
C PHE B 256 -20.78 -14.22 21.53
N PHE B 257 -19.59 -14.24 22.14
CA PHE B 257 -18.34 -14.32 21.38
C PHE B 257 -17.40 -15.35 22.00
N PRO B 258 -17.33 -16.54 21.42
CA PRO B 258 -16.40 -17.54 21.96
C PRO B 258 -14.94 -17.03 21.83
N VAL B 259 -14.12 -17.24 22.85
CA VAL B 259 -12.71 -16.79 22.82
C VAL B 259 -11.77 -17.99 22.86
N LEU B 260 -10.86 -18.01 21.90
CA LEU B 260 -9.85 -19.05 21.74
C LEU B 260 -8.47 -18.42 21.83
N ALA B 261 -7.45 -19.27 21.90
CA ALA B 261 -6.07 -18.82 22.02
C ALA B 261 -5.16 -19.58 21.10
N GLY B 262 -4.00 -18.99 20.85
CA GLY B 262 -2.97 -19.63 20.03
C GLY B 262 -1.83 -18.73 19.59
N SER B 263 -1.03 -19.30 18.68
CA SER B 263 0.07 -18.61 18.05
C SER B 263 0.09 -19.09 16.61
N ALA B 264 -0.44 -18.28 15.70
CA ALA B 264 -0.50 -18.67 14.31
C ALA B 264 0.91 -18.91 13.74
N PHE B 265 1.84 -18.01 14.01
CA PHE B 265 3.19 -18.10 13.46
C PHE B 265 3.91 -19.41 13.87
N LYS B 266 3.62 -19.89 15.07
CA LYS B 266 4.21 -21.14 15.57
C LYS B 266 3.27 -22.36 15.47
N ASN B 267 2.20 -22.25 14.68
CA ASN B 267 1.27 -23.37 14.45
C ASN B 267 0.72 -24.03 15.72
N LYS B 268 0.19 -23.20 16.61
CA LYS B 268 -0.43 -23.64 17.85
C LYS B 268 -1.85 -23.10 17.90
N GLY B 269 -2.82 -24.02 17.93
CA GLY B 269 -4.22 -23.68 18.03
C GLY B 269 -4.92 -23.35 16.72
N VAL B 270 -4.22 -23.48 15.58
CA VAL B 270 -4.84 -23.12 14.30
C VAL B 270 -5.96 -24.09 13.89
N GLN B 271 -5.69 -25.40 13.96
CA GLN B 271 -6.70 -26.39 13.63
C GLN B 271 -7.93 -26.26 14.55
N LEU B 272 -7.69 -25.99 15.84
CA LEU B 272 -8.79 -25.82 16.80
C LEU B 272 -9.65 -24.63 16.43
N MET B 273 -9.01 -23.57 15.95
CA MET B 273 -9.72 -22.38 15.54
C MET B 273 -10.59 -22.63 14.31
N LEU B 274 -10.04 -23.40 13.35
CA LEU B 274 -10.78 -23.76 12.15
C LEU B 274 -11.97 -24.64 12.52
N ASP B 275 -11.80 -25.52 13.52
CA ASP B 275 -12.92 -26.36 14.00
C ASP B 275 -14.04 -25.47 14.56
N ALA B 276 -13.66 -24.42 15.28
CA ALA B 276 -14.60 -23.47 15.87
C ALA B 276 -15.37 -22.65 14.80
N VAL B 277 -14.74 -22.43 13.64
CA VAL B 277 -15.40 -21.80 12.50
C VAL B 277 -16.57 -22.68 12.10
N LEU B 278 -16.32 -23.99 12.01
CA LEU B 278 -17.37 -24.92 11.64
C LEU B 278 -18.43 -25.02 12.75
N ASP B 279 -17.97 -25.12 13.99
CA ASP B 279 -18.88 -25.31 15.11
C ASP B 279 -19.79 -24.14 15.43
N TYR B 280 -19.26 -22.92 15.31
CA TYR B 280 -19.98 -21.77 15.79
C TYR B 280 -20.32 -20.64 14.81
N LEU B 281 -19.59 -20.52 13.70
CA LEU B 281 -19.89 -19.48 12.71
C LEU B 281 -21.04 -19.89 11.76
N PRO B 282 -21.75 -18.89 11.24
CA PRO B 282 -22.94 -19.18 10.44
C PRO B 282 -22.73 -19.72 9.04
N SER B 283 -23.69 -20.52 8.60
CA SER B 283 -23.77 -20.95 7.20
C SER B 283 -24.59 -19.83 6.54
N PRO B 284 -24.71 -19.84 5.19
CA PRO B 284 -25.57 -18.82 4.56
C PRO B 284 -27.05 -18.89 4.97
N LEU B 285 -27.49 -20.04 5.48
CA LEU B 285 -28.88 -20.19 5.97
C LEU B 285 -29.14 -19.55 7.35
N ASP B 286 -28.07 -19.29 8.10
CA ASP B 286 -28.17 -18.73 9.46
C ASP B 286 -28.26 -17.19 9.49
N ILE B 287 -28.07 -16.56 8.35
CA ILE B 287 -28.07 -15.11 8.23
C ILE B 287 -29.41 -14.64 7.71
N ASP B 288 -29.84 -13.44 8.12
CA ASP B 288 -31.08 -12.86 7.60
C ASP B 288 -30.95 -12.73 6.09
N ALA B 289 -32.01 -13.05 5.36
CA ALA B 289 -32.01 -12.96 3.91
C ALA B 289 -31.74 -11.53 3.47
N ILE B 290 -30.88 -11.38 2.47
CA ILE B 290 -30.54 -10.06 1.97
C ILE B 290 -31.78 -9.35 1.42
N LYS B 291 -31.89 -8.05 1.69
CA LYS B 291 -33.00 -7.26 1.22
C LYS B 291 -32.71 -6.64 -0.13
N GLY B 292 -33.77 -6.35 -0.87
CA GLY B 292 -33.62 -5.71 -2.17
C GLY B 292 -34.87 -4.98 -2.56
N ILE B 293 -34.79 -4.21 -3.65
CA ILE B 293 -35.96 -3.54 -4.20
C ILE B 293 -36.35 -4.31 -5.45
N ASP B 294 -37.61 -4.74 -5.50
CA ASP B 294 -38.13 -5.42 -6.67
C ASP B 294 -38.49 -4.28 -7.63
N THR B 295 -37.78 -4.19 -8.76
CA THR B 295 -38.01 -3.11 -9.72
C THR B 295 -39.34 -3.17 -10.46
N LYS B 296 -39.99 -4.34 -10.47
CA LYS B 296 -41.30 -4.50 -11.13
C LYS B 296 -42.45 -3.95 -10.28
N THR B 297 -42.27 -3.92 -8.95
CA THR B 297 -43.32 -3.43 -8.03
C THR B 297 -42.90 -2.23 -7.19
N ASP B 298 -41.62 -1.86 -7.23
CA ASP B 298 -41.06 -0.77 -6.42
C ASP B 298 -41.20 -1.03 -4.92
N GLU B 299 -41.37 -2.29 -4.54
CA GLU B 299 -41.48 -2.63 -3.11
C GLU B 299 -40.29 -3.46 -2.66
N GLU B 300 -40.07 -3.48 -1.36
CA GLU B 300 -38.96 -4.22 -0.81
C GLU B 300 -39.21 -5.72 -0.93
N THR B 301 -38.14 -6.46 -1.19
CA THR B 301 -38.21 -7.92 -1.31
C THR B 301 -36.97 -8.50 -0.65
N THR B 302 -36.85 -9.82 -0.66
CA THR B 302 -35.67 -10.49 -0.14
C THR B 302 -35.20 -11.56 -1.14
N ARG B 303 -33.96 -12.00 -0.98
CA ARG B 303 -33.36 -13.07 -1.77
C ARG B 303 -32.68 -14.07 -0.82
N PRO B 304 -33.49 -14.94 -0.18
CA PRO B 304 -32.91 -15.94 0.73
C PRO B 304 -32.14 -17.02 -0.02
N ALA B 305 -31.26 -17.71 0.70
CA ALA B 305 -30.46 -18.78 0.12
C ALA B 305 -31.39 -19.93 -0.25
N ASP B 306 -31.57 -20.11 -1.55
CA ASP B 306 -32.46 -21.11 -2.10
C ASP B 306 -32.07 -21.29 -3.56
N ASP B 307 -31.56 -22.48 -3.90
CA ASP B 307 -31.13 -22.75 -5.27
C ASP B 307 -32.26 -22.74 -6.30
N GLU B 308 -33.52 -22.81 -5.85
CA GLU B 308 -34.66 -22.81 -6.76
C GLU B 308 -35.21 -21.41 -7.04
N ALA B 309 -34.83 -20.45 -6.19
CA ALA B 309 -35.28 -19.07 -6.31
C ALA B 309 -34.54 -18.35 -7.44
N PRO B 310 -35.02 -17.16 -7.81
CA PRO B 310 -34.31 -16.44 -8.87
C PRO B 310 -32.90 -16.03 -8.47
N PHE B 311 -31.97 -16.10 -9.43
CA PHE B 311 -30.58 -15.73 -9.20
C PHE B 311 -30.40 -14.25 -8.81
N ALA B 312 -29.61 -14.03 -7.76
CA ALA B 312 -29.27 -12.68 -7.31
C ALA B 312 -27.91 -12.77 -6.62
N SER B 313 -27.04 -11.82 -6.91
CA SER B 313 -25.69 -11.82 -6.36
C SER B 313 -25.17 -10.39 -6.30
N LEU B 314 -24.08 -10.21 -5.56
CA LEU B 314 -23.39 -8.94 -5.44
C LEU B 314 -21.95 -9.11 -5.84
N ALA B 315 -21.47 -8.24 -6.71
CA ALA B 315 -20.08 -8.23 -7.12
C ALA B 315 -19.34 -7.52 -6.00
N PHE B 316 -18.15 -7.97 -5.63
CA PHE B 316 -17.42 -7.29 -4.54
C PHE B 316 -15.96 -6.96 -4.84
N LYS B 317 -15.43 -7.41 -5.96
CA LYS B 317 -14.06 -7.07 -6.32
C LYS B 317 -13.83 -7.35 -7.79
N VAL B 318 -13.12 -6.42 -8.44
CA VAL B 318 -12.75 -6.55 -9.83
C VAL B 318 -11.24 -6.37 -9.86
N MET B 319 -10.55 -7.32 -10.46
CA MET B 319 -9.11 -7.18 -10.59
C MET B 319 -8.67 -7.89 -11.85
N THR B 320 -7.51 -7.48 -12.33
CA THR B 320 -6.96 -8.04 -13.55
C THR B 320 -6.03 -9.19 -13.21
N ASP B 321 -6.38 -10.35 -13.73
CA ASP B 321 -5.63 -11.58 -13.56
C ASP B 321 -4.67 -11.69 -14.76
N PRO B 322 -3.39 -12.01 -14.51
CA PRO B 322 -2.40 -12.11 -15.60
C PRO B 322 -2.44 -13.44 -16.40
N PHE B 323 -3.64 -13.96 -16.64
CA PHE B 323 -3.84 -15.21 -17.40
C PHE B 323 -5.15 -15.15 -18.17
N VAL B 324 -6.27 -15.02 -17.44
CA VAL B 324 -7.60 -14.93 -18.07
C VAL B 324 -8.08 -13.48 -18.26
N GLY B 325 -7.38 -12.53 -17.65
CA GLY B 325 -7.72 -11.11 -17.78
C GLY B 325 -8.59 -10.57 -16.64
N ARG B 326 -9.59 -9.79 -17.00
CA ARG B 326 -10.49 -9.17 -16.02
C ARG B 326 -11.41 -10.18 -15.32
N LEU B 327 -11.23 -10.32 -14.01
CA LEU B 327 -12.03 -11.21 -13.16
C LEU B 327 -12.90 -10.41 -12.22
N THR B 328 -14.19 -10.77 -12.15
CA THR B 328 -15.14 -10.07 -11.27
C THR B 328 -15.63 -11.04 -10.20
N PHE B 329 -15.24 -10.79 -8.95
CA PHE B 329 -15.64 -11.63 -7.83
C PHE B 329 -17.05 -11.27 -7.40
N PHE B 330 -17.85 -12.28 -7.10
CA PHE B 330 -19.22 -12.09 -6.71
C PHE B 330 -19.63 -13.14 -5.70
N ARG B 331 -20.64 -12.78 -4.89
CA ARG B 331 -21.23 -13.65 -3.87
C ARG B 331 -22.66 -13.94 -4.30
N VAL B 332 -23.05 -15.20 -4.38
CA VAL B 332 -24.42 -15.54 -4.77
C VAL B 332 -25.25 -15.62 -3.51
N TYR B 333 -26.38 -14.94 -3.49
CA TYR B 333 -27.31 -14.97 -2.38
C TYR B 333 -28.44 -15.94 -2.65
N SER B 334 -28.97 -15.90 -3.87
CA SER B 334 -30.08 -16.76 -4.24
C SER B 334 -29.94 -17.34 -5.63
N GLY B 335 -30.64 -18.45 -5.84
CA GLY B 335 -30.64 -19.10 -7.13
C GLY B 335 -29.32 -19.78 -7.46
N VAL B 336 -29.08 -19.92 -8.75
CA VAL B 336 -27.89 -20.55 -9.29
C VAL B 336 -27.47 -19.82 -10.54
N LEU B 337 -26.17 -19.86 -10.82
CA LEU B 337 -25.62 -19.23 -12.01
C LEU B 337 -24.85 -20.26 -12.83
N GLU B 338 -25.21 -20.38 -14.12
CA GLU B 338 -24.50 -21.28 -15.04
C GLU B 338 -23.46 -20.50 -15.84
N SER B 339 -22.33 -21.13 -16.14
CA SER B 339 -21.33 -20.47 -16.97
C SER B 339 -21.91 -20.38 -18.39
N GLY B 340 -21.48 -19.41 -19.18
CA GLY B 340 -22.00 -19.26 -20.55
C GLY B 340 -23.49 -18.92 -20.53
N SER B 341 -23.83 -17.85 -19.82
CA SER B 341 -25.23 -17.39 -19.75
C SER B 341 -25.30 -15.86 -19.69
N TYR B 342 -26.51 -15.33 -19.69
CA TYR B 342 -26.74 -13.89 -19.62
C TYR B 342 -27.49 -13.56 -18.34
N VAL B 343 -27.05 -12.47 -17.70
CA VAL B 343 -27.67 -11.98 -16.48
C VAL B 343 -27.85 -10.47 -16.63
N LEU B 344 -28.53 -9.87 -15.66
CA LEU B 344 -28.76 -8.45 -15.63
C LEU B 344 -27.90 -7.78 -14.57
N ASN B 345 -27.16 -6.74 -14.96
CA ASN B 345 -26.48 -5.91 -13.99
C ASN B 345 -27.54 -4.87 -13.66
N ALA B 346 -28.29 -5.10 -12.58
CA ALA B 346 -29.41 -4.22 -12.21
C ALA B 346 -28.95 -2.83 -11.73
N SER B 347 -27.70 -2.72 -11.29
CA SER B 347 -27.16 -1.45 -10.84
C SER B 347 -26.80 -0.55 -12.02
N LYS B 348 -26.31 -1.14 -13.10
CA LYS B 348 -25.90 -0.38 -14.31
C LYS B 348 -27.03 -0.32 -15.29
N GLY B 349 -28.01 -1.19 -15.11
CA GLY B 349 -29.17 -1.21 -15.96
C GLY B 349 -28.96 -1.81 -17.34
N LYS B 350 -28.21 -2.91 -17.41
CA LYS B 350 -27.97 -3.58 -18.70
C LYS B 350 -27.56 -5.05 -18.59
N LYS B 351 -27.81 -5.77 -19.67
CA LYS B 351 -27.52 -7.19 -19.75
C LYS B 351 -26.01 -7.41 -19.81
N GLU B 352 -25.54 -8.46 -19.13
CA GLU B 352 -24.13 -8.85 -19.07
C GLU B 352 -24.00 -10.31 -19.47
N ARG B 353 -22.92 -10.62 -20.16
CA ARG B 353 -22.61 -12.01 -20.54
C ARG B 353 -21.69 -12.58 -19.50
N ILE B 354 -22.03 -13.76 -18.97
CA ILE B 354 -21.15 -14.47 -18.05
C ILE B 354 -20.49 -15.57 -18.89
N GLY B 355 -19.18 -15.44 -19.13
CA GLY B 355 -18.43 -16.46 -19.87
C GLY B 355 -18.02 -17.55 -18.91
N ARG B 356 -16.72 -17.66 -18.68
CA ARG B 356 -16.21 -18.67 -17.78
C ARG B 356 -16.29 -18.20 -16.34
N ILE B 357 -16.42 -19.17 -15.45
CA ILE B 357 -16.49 -18.95 -14.02
C ILE B 357 -15.37 -19.75 -13.38
N LEU B 358 -14.61 -19.09 -12.51
CA LEU B 358 -13.49 -19.71 -11.81
C LEU B 358 -13.62 -19.55 -10.29
N GLN B 359 -13.01 -20.47 -9.57
CA GLN B 359 -12.89 -20.43 -8.10
C GLN B 359 -11.40 -20.54 -7.84
N MET B 360 -10.87 -19.52 -7.17
CA MET B 360 -9.45 -19.39 -6.88
C MET B 360 -9.10 -20.07 -5.57
N HIS B 361 -8.38 -21.19 -5.62
CA HIS B 361 -7.94 -21.89 -4.40
C HIS B 361 -6.57 -21.31 -3.98
N ALA B 362 -6.02 -21.84 -2.90
CA ALA B 362 -4.73 -21.37 -2.41
C ALA B 362 -3.62 -21.64 -3.40
N ASN B 363 -3.60 -22.87 -3.91
CA ASN B 363 -2.56 -23.34 -4.82
C ASN B 363 -2.99 -23.58 -6.28
N THR B 364 -4.30 -23.59 -6.54
CA THR B 364 -4.80 -23.84 -7.90
C THR B 364 -6.01 -23.00 -8.22
N ARG B 365 -6.46 -23.09 -9.47
CA ARG B 365 -7.64 -22.38 -9.93
C ARG B 365 -8.50 -23.38 -10.65
N GLN B 366 -9.77 -23.47 -10.23
CA GLN B 366 -10.71 -24.44 -10.77
C GLN B 366 -11.79 -23.78 -11.60
N GLU B 367 -12.02 -24.34 -12.78
CA GLU B 367 -13.07 -23.87 -13.66
C GLU B 367 -14.32 -24.67 -13.34
N ILE B 368 -15.43 -23.97 -13.15
CA ILE B 368 -16.71 -24.61 -12.81
C ILE B 368 -17.78 -24.13 -13.78
N ASP B 369 -18.82 -24.93 -13.97
N ASP B 369 -18.83 -24.92 -13.96
CA ASP B 369 -19.94 -24.59 -14.87
CA ASP B 369 -19.93 -24.59 -14.86
C ASP B 369 -21.20 -24.13 -14.14
C ASP B 369 -21.21 -24.16 -14.13
N LYS B 370 -21.17 -24.11 -12.81
CA LYS B 370 -22.36 -23.74 -12.02
C LYS B 370 -21.95 -23.26 -10.61
N VAL B 371 -22.55 -22.15 -10.16
CA VAL B 371 -22.30 -21.58 -8.81
C VAL B 371 -23.66 -21.55 -8.14
N TYR B 372 -23.74 -22.04 -6.91
CA TYR B 372 -25.01 -22.11 -6.22
C TYR B 372 -25.15 -21.03 -5.15
N SER B 373 -26.33 -20.95 -4.56
CA SER B 373 -26.60 -19.99 -3.51
C SER B 373 -25.60 -20.16 -2.35
N GLY B 374 -25.13 -19.03 -1.82
CA GLY B 374 -24.19 -19.04 -0.72
C GLY B 374 -22.74 -19.14 -1.10
N ASP B 375 -22.44 -19.34 -2.39
CA ASP B 375 -21.04 -19.51 -2.77
C ASP B 375 -20.48 -18.25 -3.42
N ILE B 376 -19.17 -18.25 -3.57
CA ILE B 376 -18.39 -17.17 -4.14
C ILE B 376 -17.57 -17.73 -5.30
N ALA B 377 -17.41 -16.91 -6.33
CA ALA B 377 -16.65 -17.29 -7.51
C ALA B 377 -16.23 -16.02 -8.22
N ALA B 378 -15.58 -16.19 -9.37
CA ALA B 378 -15.10 -15.08 -10.16
C ALA B 378 -15.45 -15.35 -11.62
N ALA B 379 -16.08 -14.36 -12.25
CA ALA B 379 -16.51 -14.46 -13.65
C ALA B 379 -15.46 -13.83 -14.54
N VAL B 380 -15.20 -14.49 -15.68
CA VAL B 380 -14.18 -14.04 -16.61
C VAL B 380 -14.70 -12.98 -17.58
N GLY B 381 -13.86 -11.97 -17.81
CA GLY B 381 -14.10 -10.89 -18.76
C GLY B 381 -15.38 -10.10 -18.77
N LEU B 382 -16.04 -9.96 -17.62
CA LEU B 382 -17.26 -9.14 -17.54
C LEU B 382 -16.94 -7.69 -17.83
N LYS B 383 -17.80 -7.04 -18.60
CA LYS B 383 -17.64 -5.62 -18.92
C LYS B 383 -18.60 -4.84 -18.01
N ASP B 384 -18.32 -3.57 -17.76
CA ASP B 384 -19.22 -2.65 -17.00
C ASP B 384 -19.58 -2.97 -15.53
N THR B 385 -19.26 -4.17 -15.03
CA THR B 385 -19.62 -4.53 -13.64
C THR B 385 -18.51 -4.11 -12.68
N THR B 386 -18.91 -3.41 -11.60
CA THR B 386 -17.97 -2.93 -10.57
C THR B 386 -18.44 -3.32 -9.18
N THR B 387 -17.58 -3.14 -8.18
CA THR B 387 -17.88 -3.52 -6.81
C THR B 387 -19.17 -2.89 -6.31
N GLY B 388 -20.06 -3.73 -5.79
CA GLY B 388 -21.35 -3.25 -5.26
C GLY B 388 -22.53 -3.47 -6.19
N ASP B 389 -22.26 -3.80 -7.47
CA ASP B 389 -23.36 -4.01 -8.41
C ASP B 389 -24.11 -5.30 -8.15
N THR B 390 -25.42 -5.25 -8.36
CA THR B 390 -26.23 -6.44 -8.29
C THR B 390 -26.20 -7.12 -9.67
N LEU B 391 -25.92 -8.43 -9.70
CA LEU B 391 -26.03 -9.24 -10.91
C LEU B 391 -27.17 -10.18 -10.59
N CYS B 392 -28.21 -10.19 -11.40
CA CYS B 392 -29.39 -11.00 -11.10
C CYS B 392 -30.08 -11.57 -12.34
N ALA B 393 -31.12 -12.35 -12.10
CA ALA B 393 -31.89 -12.98 -13.16
C ALA B 393 -32.56 -11.92 -14.00
N LEU B 394 -32.47 -12.08 -15.32
CA LEU B 394 -33.13 -11.17 -16.26
C LEU B 394 -34.64 -11.12 -16.07
N ASP B 395 -35.23 -12.27 -15.77
CA ASP B 395 -36.67 -12.38 -15.59
C ASP B 395 -37.18 -12.01 -14.19
N ALA B 396 -36.28 -11.79 -13.23
CA ALA B 396 -36.69 -11.43 -11.87
C ALA B 396 -35.75 -10.37 -11.31
N PRO B 397 -35.76 -9.17 -11.93
CA PRO B 397 -34.84 -8.09 -11.53
C PRO B 397 -35.02 -7.61 -10.09
N VAL B 398 -33.89 -7.34 -9.44
CA VAL B 398 -33.86 -6.86 -8.08
C VAL B 398 -32.60 -6.03 -7.90
N ILE B 399 -32.67 -4.99 -7.06
CA ILE B 399 -31.50 -4.18 -6.72
C ILE B 399 -31.26 -4.50 -5.25
N LEU B 400 -30.16 -5.17 -4.95
CA LEU B 400 -29.87 -5.58 -3.58
C LEU B 400 -29.28 -4.48 -2.74
N GLU B 401 -29.48 -4.61 -1.44
CA GLU B 401 -28.94 -3.68 -0.48
C GLU B 401 -27.44 -3.99 -0.22
N SER B 402 -26.54 -3.34 -0.97
CA SER B 402 -25.10 -3.49 -0.76
C SER B 402 -24.78 -2.49 0.35
N ILE B 403 -25.08 -1.23 0.08
CA ILE B 403 -24.96 -0.17 1.08
C ILE B 403 -26.40 -0.05 1.59
N GLU B 404 -26.54 0.17 2.90
CA GLU B 404 -27.86 0.23 3.53
C GLU B 404 -28.83 1.25 2.89
N PHE B 405 -30.06 0.79 2.57
CA PHE B 405 -31.09 1.67 1.98
C PHE B 405 -31.37 2.87 2.91
N PRO B 406 -31.73 4.03 2.33
CA PRO B 406 -32.00 5.23 3.14
C PRO B 406 -33.25 5.11 4.03
N ASP B 407 -33.18 5.69 5.24
CA ASP B 407 -34.27 5.67 6.21
C ASP B 407 -34.88 4.27 6.40
NA NA C . 23.73 20.22 -7.21
NA NA D . -22.70 -10.46 6.30
#